data_1JIB
#
_entry.id   1JIB
#
_cell.length_a   111.870
_cell.length_b   117.320
_cell.length_c   112.610
_cell.angle_alpha   90.00
_cell.angle_beta   90.00
_cell.angle_gamma   90.00
#
_symmetry.space_group_name_H-M   'P 21 21 21'
#
loop_
_entity.id
_entity.type
_entity.pdbx_description
1 polymer NEOPULLULANASE
2 branched alpha-D-glucopyranose-(1-4)-alpha-D-glucopyranose-(1-4)-alpha-D-glucopyranose-(1-4)-alpha-D-glucopyranose
#
_entity_poly.entity_id   1
_entity_poly.type   'polypeptide(L)'
_entity_poly.pdbx_seq_one_letter_code
;MLLEAIFHEAKGSYAYPISETQLRVRLRAKKGDVVRCEVLYADRYASPEEELAHALAGKAGSDERFDYFEALLECSTKRV
KYVFLLTGPQGEAVYFGETGFSAERSKAGVFQYAYIHRSEVFTTPEWAKEAVIYQIFPERFANGDPSNDPPGTEQWAKDA
RPRHDSFYGGDLKGVIDRLPYLEELGVTALYFTPIFASPSHHKYDTADYLAIDPQFGDLPTFRRLVDEAHRRGIKIILDA
VFNHAGDQFFAFRDVLQKGEQSRYKDWFFIEDFPVSKTSRTNYETFAVQVPAMPKLRTENPEVKEYLFDVARFWMEQGID
GWRLNVANEVDHAFWREFRRLVKSLNPDALIVGEIWHDASGWLMGDQFDSVMNYLFRESVIRFFATGEIHAERFDAELTR
ARMLYPEQAAQGLWNLLDSHDTERFLTSCGGNEAKFRLAVLFQMTYLGTPLIYYGDEIGMAGATDPDCRRPMIWEEKEQN
RGLFEFYKELIRLRHRLASLTRGNVRSWHADKQANLYAFVRTVQDQHVGVVLNNRGEKQTVLLQVPESGGKTWLDCLTGE
EVHGKQGQLKLTLRPYQGMILWNGR
;
_entity_poly.pdbx_strand_id   A,B
#
# COMPACT_ATOMS: atom_id res chain seq x y z
N MET A 1 8.43 0.52 -28.91
CA MET A 1 8.70 0.08 -27.51
C MET A 1 7.57 -0.81 -26.99
N LEU A 2 7.96 -1.82 -26.23
CA LEU A 2 7.04 -2.80 -25.65
C LEU A 2 6.29 -2.15 -24.49
N LEU A 3 5.09 -1.64 -24.74
CA LEU A 3 4.32 -0.98 -23.70
C LEU A 3 3.98 -1.89 -22.51
N GLU A 4 3.94 -3.19 -22.74
CA GLU A 4 3.57 -4.12 -21.68
C GLU A 4 4.54 -4.15 -20.49
N ALA A 5 5.68 -3.50 -20.64
CA ALA A 5 6.68 -3.46 -19.57
C ALA A 5 6.79 -2.10 -18.91
N ILE A 6 5.96 -1.13 -19.31
CA ILE A 6 6.03 0.20 -18.73
C ILE A 6 5.20 0.30 -17.46
N PHE A 7 5.82 0.75 -16.38
CA PHE A 7 5.07 0.83 -15.14
C PHE A 7 5.29 2.01 -14.21
N HIS A 8 4.19 2.37 -13.55
CA HIS A 8 4.13 3.43 -12.55
C HIS A 8 2.72 3.48 -11.97
N GLU A 9 2.64 3.88 -10.70
CA GLU A 9 1.37 4.03 -9.98
C GLU A 9 1.59 5.21 -9.04
N ALA A 10 0.60 6.06 -8.88
CA ALA A 10 0.80 7.26 -8.08
C ALA A 10 0.77 7.08 -6.56
N LYS A 11 1.63 6.18 -6.09
CA LYS A 11 1.76 5.90 -4.66
C LYS A 11 2.87 4.86 -4.43
N GLY A 12 2.95 4.33 -3.22
CA GLY A 12 3.96 3.33 -2.91
C GLY A 12 5.39 3.76 -3.14
N SER A 13 6.17 2.92 -3.81
CA SER A 13 7.57 3.23 -4.07
C SER A 13 7.78 3.87 -5.43
N TYR A 14 6.71 4.17 -6.14
CA TYR A 14 6.84 4.79 -7.45
C TYR A 14 6.45 6.26 -7.45
N ALA A 15 5.88 6.68 -6.32
CA ALA A 15 5.44 8.05 -6.09
C ALA A 15 5.40 8.26 -4.60
N TYR A 16 6.26 9.13 -4.11
CA TYR A 16 6.29 9.37 -2.68
C TYR A 16 7.01 10.65 -2.38
N PRO A 17 6.62 11.33 -1.29
CA PRO A 17 7.21 12.59 -0.85
C PRO A 17 8.50 12.39 -0.07
N ILE A 18 9.47 13.27 -0.25
CA ILE A 18 10.70 13.15 0.51
C ILE A 18 10.75 14.40 1.37
N SER A 19 9.70 15.22 1.18
CA SER A 19 9.48 16.47 1.89
C SER A 19 8.05 16.92 1.57
N GLU A 20 7.56 17.93 2.28
CA GLU A 20 6.19 18.42 2.08
C GLU A 20 5.95 19.07 0.72
N THR A 21 7.01 19.35 -0.04
CA THR A 21 6.82 20.01 -1.33
C THR A 21 7.47 19.40 -2.56
N GLN A 22 8.08 18.23 -2.43
CA GLN A 22 8.75 17.59 -3.56
C GLN A 22 8.31 16.15 -3.71
N LEU A 23 7.97 15.74 -4.93
CA LEU A 23 7.53 14.37 -5.16
C LEU A 23 8.53 13.56 -5.97
N ARG A 24 9.05 12.49 -5.35
CA ARG A 24 9.98 11.58 -6.02
C ARG A 24 9.08 10.69 -6.85
N VAL A 25 9.45 10.49 -8.10
CA VAL A 25 8.61 9.70 -8.99
C VAL A 25 9.45 8.73 -9.80
N ARG A 26 9.03 7.47 -9.84
CA ARG A 26 9.77 6.47 -10.59
C ARG A 26 8.92 5.75 -11.62
N LEU A 27 9.58 5.28 -12.67
CA LEU A 27 8.88 4.61 -13.76
C LEU A 27 9.70 3.43 -14.27
N ARG A 28 9.01 2.37 -14.69
CA ARG A 28 9.69 1.20 -15.21
C ARG A 28 9.48 1.00 -16.70
N ALA A 29 10.47 0.39 -17.35
CA ALA A 29 10.39 0.10 -18.78
C ALA A 29 11.34 -1.03 -19.17
N LYS A 30 11.04 -1.68 -20.30
CA LYS A 30 11.89 -2.76 -20.83
C LYS A 30 13.29 -2.16 -21.02
N LYS A 31 14.33 -2.84 -20.53
CA LYS A 31 15.68 -2.29 -20.66
C LYS A 31 16.14 -1.99 -22.09
N GLY A 32 16.57 -0.74 -22.27
CA GLY A 32 17.05 -0.27 -23.56
C GLY A 32 15.93 0.14 -24.47
N ASP A 33 14.73 0.27 -23.93
CA ASP A 33 13.58 0.63 -24.74
C ASP A 33 13.42 2.14 -24.80
N VAL A 34 13.61 2.78 -23.65
CA VAL A 34 13.50 4.22 -23.52
C VAL A 34 14.86 4.85 -23.25
N VAL A 35 15.23 5.86 -24.03
CA VAL A 35 16.52 6.53 -23.83
C VAL A 35 16.34 7.80 -23.00
N ARG A 36 15.21 8.47 -23.15
CA ARG A 36 14.95 9.69 -22.39
C ARG A 36 13.52 9.64 -21.85
N CYS A 37 13.36 10.01 -20.58
CA CYS A 37 12.04 10.00 -19.92
C CYS A 37 11.83 11.29 -19.18
N GLU A 38 10.81 12.03 -19.59
CA GLU A 38 10.53 13.32 -18.97
C GLU A 38 9.13 13.36 -18.39
N VAL A 39 8.95 14.16 -17.33
CA VAL A 39 7.64 14.26 -16.68
C VAL A 39 7.03 15.65 -16.86
N LEU A 40 5.80 15.71 -17.35
CA LEU A 40 5.13 17.00 -17.53
C LEU A 40 4.12 17.10 -16.40
N TYR A 41 4.26 18.12 -15.55
CA TYR A 41 3.37 18.25 -14.42
C TYR A 41 2.90 19.64 -14.06
N ALA A 42 1.86 19.68 -13.25
CA ALA A 42 1.25 20.93 -12.83
C ALA A 42 0.28 20.67 -11.69
N ASP A 43 -0.15 21.75 -11.06
CA ASP A 43 -1.08 21.66 -9.94
C ASP A 43 -2.33 20.91 -10.33
N ARG A 44 -2.90 20.19 -9.37
CA ARG A 44 -4.08 19.39 -9.65
C ARG A 44 -5.28 20.20 -10.10
N TYR A 45 -5.33 21.46 -9.73
CA TYR A 45 -6.46 22.29 -10.11
C TYR A 45 -6.09 23.33 -11.15
N ALA A 46 -4.85 23.25 -11.63
CA ALA A 46 -4.34 24.16 -12.65
C ALA A 46 -5.22 24.10 -13.89
N SER A 47 -5.34 25.23 -14.58
CA SER A 47 -6.15 25.31 -15.78
C SER A 47 -5.55 24.55 -16.95
N PRO A 48 -6.43 24.04 -17.83
CA PRO A 48 -6.01 23.26 -19.00
C PRO A 48 -5.13 24.08 -19.94
N GLU A 49 -5.25 25.40 -19.81
CA GLU A 49 -4.50 26.32 -20.64
C GLU A 49 -3.12 26.55 -20.06
N GLU A 50 -3.04 26.51 -18.72
CA GLU A 50 -1.78 26.73 -18.03
C GLU A 50 -0.72 25.82 -18.60
N GLU A 51 0.52 26.29 -18.59
CA GLU A 51 1.65 25.53 -19.10
C GLU A 51 2.09 24.49 -18.07
N LEU A 52 2.74 23.43 -18.54
CA LEU A 52 3.21 22.38 -17.66
C LEU A 52 4.66 22.61 -17.25
N ALA A 53 5.06 21.98 -16.16
CA ALA A 53 6.43 22.04 -15.68
C ALA A 53 7.16 20.85 -16.30
N HIS A 54 8.48 20.92 -16.40
CA HIS A 54 9.25 19.83 -16.97
C HIS A 54 10.22 19.25 -15.95
N ALA A 55 10.34 17.93 -15.93
CA ALA A 55 11.24 17.23 -15.03
C ALA A 55 11.89 16.08 -15.78
N LEU A 56 13.21 16.13 -15.91
CA LEU A 56 13.97 15.07 -16.59
C LEU A 56 14.47 14.00 -15.60
N ALA A 57 13.93 12.79 -15.71
CA ALA A 57 14.30 11.67 -14.83
C ALA A 57 15.37 10.77 -15.42
N GLY A 58 16.62 10.93 -15.00
CA GLY A 58 17.68 10.07 -15.52
C GLY A 58 17.52 8.65 -15.00
N LYS A 59 18.25 7.69 -15.57
CA LYS A 59 18.17 6.30 -15.10
C LYS A 59 18.78 6.20 -13.71
N ALA A 60 17.99 5.73 -12.74
CA ALA A 60 18.48 5.57 -11.38
C ALA A 60 19.05 4.17 -11.20
N GLY A 61 18.90 3.34 -12.22
CA GLY A 61 19.43 2.00 -12.13
C GLY A 61 18.79 1.09 -13.15
N SER A 62 19.19 -0.17 -13.19
CA SER A 62 18.63 -1.10 -14.15
C SER A 62 18.77 -2.49 -13.58
N ASP A 63 17.80 -3.35 -13.86
CA ASP A 63 17.83 -4.70 -13.32
C ASP A 63 17.88 -5.71 -14.43
N GLU A 64 17.64 -6.97 -14.07
CA GLU A 64 17.69 -8.08 -15.01
C GLU A 64 16.98 -7.81 -16.35
N ARG A 65 15.86 -7.10 -16.34
CA ARG A 65 15.18 -6.84 -17.60
C ARG A 65 14.53 -5.45 -17.74
N PHE A 66 14.52 -4.68 -16.66
CA PHE A 66 13.92 -3.34 -16.68
C PHE A 66 14.90 -2.20 -16.43
N ASP A 67 14.51 -1.01 -16.85
CA ASP A 67 15.27 0.21 -16.62
C ASP A 67 14.41 0.97 -15.61
N TYR A 68 15.01 1.63 -14.65
CA TYR A 68 14.21 2.39 -13.71
C TYR A 68 14.57 3.85 -13.87
N PHE A 69 13.56 4.67 -14.12
CA PHE A 69 13.74 6.11 -14.28
C PHE A 69 13.23 6.84 -13.03
N GLU A 70 13.96 7.85 -12.59
CA GLU A 70 13.61 8.55 -11.38
C GLU A 70 13.64 10.06 -11.57
N ALA A 71 12.58 10.72 -11.14
CA ALA A 71 12.45 12.16 -11.27
C ALA A 71 12.08 12.75 -9.93
N LEU A 72 12.22 14.07 -9.82
CA LEU A 72 11.89 14.78 -8.59
C LEU A 72 11.05 15.98 -9.00
N LEU A 73 9.76 15.92 -8.71
CA LEU A 73 8.85 17.00 -9.08
C LEU A 73 8.74 18.04 -7.98
N GLU A 74 8.88 19.33 -8.33
CA GLU A 74 8.75 20.36 -7.32
C GLU A 74 7.26 20.69 -7.29
N CYS A 75 6.59 20.26 -6.21
CA CYS A 75 5.16 20.46 -6.07
C CYS A 75 4.93 21.45 -4.97
N SER A 76 4.90 22.72 -5.35
CA SER A 76 4.72 23.82 -4.43
C SER A 76 3.29 23.86 -3.94
N THR A 77 2.36 23.46 -4.81
CA THR A 77 0.95 23.44 -4.47
C THR A 77 0.67 22.27 -3.55
N LYS A 78 1.65 21.39 -3.41
CA LYS A 78 1.55 20.20 -2.55
C LYS A 78 0.50 19.23 -3.14
N ARG A 79 0.09 19.55 -4.38
CA ARG A 79 -0.86 18.77 -5.14
C ARG A 79 -0.24 18.67 -6.50
N VAL A 80 -0.50 17.59 -7.22
CA VAL A 80 0.08 17.45 -8.54
C VAL A 80 -0.55 16.36 -9.42
N LYS A 81 -0.61 16.65 -10.72
CA LYS A 81 -1.11 15.71 -11.71
C LYS A 81 0.05 15.70 -12.73
N TYR A 82 0.32 14.56 -13.35
CA TYR A 82 1.44 14.51 -14.30
C TYR A 82 1.33 13.40 -15.34
N VAL A 83 2.12 13.54 -16.41
CA VAL A 83 2.17 12.56 -17.50
C VAL A 83 3.62 12.31 -17.87
N PHE A 84 3.89 11.13 -18.40
CA PHE A 84 5.24 10.77 -18.82
C PHE A 84 5.40 10.90 -20.33
N LEU A 85 6.60 11.29 -20.75
CA LEU A 85 6.96 11.43 -22.16
C LEU A 85 8.13 10.47 -22.36
N LEU A 86 7.89 9.41 -23.12
CA LEU A 86 8.90 8.38 -23.35
C LEU A 86 9.42 8.39 -24.77
N THR A 87 10.74 8.36 -24.91
CA THR A 87 11.35 8.34 -26.23
C THR A 87 12.33 7.17 -26.42
N GLY A 88 12.26 6.55 -27.59
CA GLY A 88 13.10 5.42 -27.89
C GLY A 88 14.38 5.72 -28.66
N PRO A 89 15.18 4.68 -28.92
CA PRO A 89 16.47 4.66 -29.62
C PRO A 89 16.40 5.32 -30.99
N GLN A 90 15.47 4.84 -31.81
CA GLN A 90 15.28 5.41 -33.14
C GLN A 90 14.36 6.63 -33.10
N GLY A 91 14.25 7.26 -31.93
CA GLY A 91 13.44 8.47 -31.81
C GLY A 91 11.93 8.44 -31.60
N GLU A 92 11.30 7.27 -31.55
CA GLU A 92 9.84 7.24 -31.34
C GLU A 92 9.45 7.72 -29.94
N ALA A 93 8.42 8.55 -29.86
CA ALA A 93 7.96 9.06 -28.56
C ALA A 93 6.50 8.70 -28.30
N VAL A 94 6.13 8.67 -27.03
CA VAL A 94 4.76 8.33 -26.65
C VAL A 94 4.52 8.86 -25.24
N TYR A 95 3.26 9.17 -24.95
CA TYR A 95 2.86 9.69 -23.65
C TYR A 95 2.31 8.59 -22.74
N PHE A 96 2.57 8.71 -21.44
CA PHE A 96 2.10 7.72 -20.48
C PHE A 96 1.32 8.36 -19.34
N GLY A 97 0.05 8.02 -19.22
CA GLY A 97 -0.76 8.56 -18.14
C GLY A 97 -1.70 7.50 -17.58
N GLU A 98 -2.53 7.89 -16.62
CA GLU A 98 -3.47 6.96 -16.01
C GLU A 98 -4.44 6.37 -17.03
N THR A 99 -4.85 7.15 -18.02
CA THR A 99 -5.79 6.68 -19.04
C THR A 99 -5.20 5.59 -19.92
N GLY A 100 -3.89 5.66 -20.14
CA GLY A 100 -3.19 4.69 -20.96
C GLY A 100 -2.11 5.32 -21.82
N PHE A 101 -1.79 4.67 -22.94
CA PHE A 101 -0.78 5.18 -23.84
C PHE A 101 -1.42 5.87 -25.03
N SER A 102 -0.75 6.89 -25.55
CA SER A 102 -1.23 7.65 -26.69
C SER A 102 -0.15 8.59 -27.20
N ALA A 103 -0.27 8.98 -28.47
CA ALA A 103 0.67 9.90 -29.09
C ALA A 103 0.32 11.34 -28.68
N GLU A 104 -0.93 11.53 -28.29
CA GLU A 104 -1.44 12.82 -27.83
C GLU A 104 -1.28 12.93 -26.30
N ARG A 105 -0.85 14.09 -25.81
CA ARG A 105 -0.68 14.29 -24.37
C ARG A 105 -2.05 14.28 -23.71
N SER A 106 -3.10 14.30 -24.52
CA SER A 106 -4.44 14.34 -23.94
C SER A 106 -4.99 12.97 -23.60
N LYS A 107 -5.02 12.09 -24.58
CA LYS A 107 -5.55 10.75 -24.38
C LYS A 107 -4.65 9.87 -23.50
N ALA A 108 -3.47 10.38 -23.16
CA ALA A 108 -2.55 9.62 -22.33
C ALA A 108 -3.07 9.61 -20.89
N GLY A 109 -3.83 10.65 -20.57
CA GLY A 109 -4.37 10.78 -19.22
C GLY A 109 -3.31 11.43 -18.36
N VAL A 110 -3.53 11.46 -17.05
CA VAL A 110 -2.58 12.09 -16.16
C VAL A 110 -2.61 11.42 -14.77
N PHE A 111 -1.45 11.12 -14.22
CA PHE A 111 -1.38 10.51 -12.89
C PHE A 111 -1.62 11.54 -11.80
N GLN A 112 -2.14 11.10 -10.65
CA GLN A 112 -2.43 12.05 -9.59
C GLN A 112 -1.99 11.69 -8.19
N TYR A 113 -1.22 12.59 -7.58
CA TYR A 113 -0.79 12.42 -6.19
C TYR A 113 -1.54 13.55 -5.51
N ALA A 114 -2.72 13.20 -5.00
CA ALA A 114 -3.64 14.13 -4.37
C ALA A 114 -3.12 15.28 -3.54
N TYR A 115 -2.34 14.96 -2.51
CA TYR A 115 -1.81 15.97 -1.61
C TYR A 115 -0.62 15.37 -0.89
N ILE A 116 0.25 16.22 -0.38
CA ILE A 116 1.42 15.76 0.35
C ILE A 116 1.35 16.19 1.80
N HIS A 117 0.99 15.28 2.70
CA HIS A 117 0.91 15.63 4.12
C HIS A 117 2.25 15.55 4.86
N ARG A 118 2.61 16.62 5.58
CA ARG A 118 3.89 16.65 6.30
C ARG A 118 3.95 15.42 7.19
N SER A 119 2.81 15.08 7.78
CA SER A 119 2.72 13.93 8.67
C SER A 119 3.01 12.63 7.94
N GLU A 120 2.93 12.67 6.62
CA GLU A 120 3.19 11.47 5.83
C GLU A 120 4.53 11.49 5.09
N VAL A 121 5.45 12.37 5.46
CA VAL A 121 6.74 12.33 4.80
C VAL A 121 7.55 11.33 5.62
N PHE A 122 7.95 10.25 4.98
CA PHE A 122 8.73 9.20 5.62
C PHE A 122 9.96 9.76 6.33
N THR A 123 10.08 9.52 7.62
CA THR A 123 11.21 10.04 8.37
C THR A 123 11.93 8.98 9.22
N THR A 124 13.24 8.90 9.05
CA THR A 124 14.09 7.96 9.78
C THR A 124 14.91 8.79 10.74
N PRO A 125 15.23 8.28 11.94
CA PRO A 125 16.03 9.04 12.90
C PRO A 125 17.33 9.39 12.23
N GLU A 126 17.73 10.65 12.30
CA GLU A 126 18.96 11.02 11.63
C GLU A 126 20.13 10.09 11.97
N TRP A 127 20.29 9.73 13.23
CA TRP A 127 21.43 8.91 13.59
C TRP A 127 21.49 7.55 12.95
N ALA A 128 20.34 7.01 12.55
CA ALA A 128 20.33 5.69 11.95
C ALA A 128 20.94 5.63 10.57
N LYS A 129 21.01 6.74 9.86
CA LYS A 129 21.55 6.72 8.52
C LYS A 129 23.01 6.33 8.51
N GLU A 130 23.74 6.70 9.57
CA GLU A 130 25.17 6.43 9.61
C GLU A 130 25.69 5.60 10.77
N ALA A 131 24.85 4.71 11.26
CA ALA A 131 25.24 3.84 12.35
C ALA A 131 25.80 2.56 11.77
N VAL A 132 26.46 1.77 12.61
CA VAL A 132 27.00 0.46 12.24
C VAL A 132 26.60 -0.40 13.44
N ILE A 133 25.60 -1.26 13.25
CA ILE A 133 25.13 -2.08 14.35
C ILE A 133 25.85 -3.40 14.54
N TYR A 134 25.97 -3.76 15.82
CA TYR A 134 26.63 -4.98 16.23
C TYR A 134 25.58 -5.78 17.00
N GLN A 135 25.18 -6.93 16.46
CA GLN A 135 24.17 -7.75 17.11
C GLN A 135 24.75 -8.65 18.18
N ILE A 136 24.24 -8.51 19.40
CA ILE A 136 24.66 -9.28 20.58
C ILE A 136 23.68 -10.34 21.09
N PHE A 137 24.14 -11.59 21.15
CA PHE A 137 23.33 -12.69 21.68
C PHE A 137 23.87 -12.84 23.10
N PRO A 138 23.26 -12.12 24.05
CA PRO A 138 23.70 -12.16 25.46
C PRO A 138 24.11 -13.50 26.03
N GLU A 139 23.22 -14.49 25.97
CA GLU A 139 23.56 -15.79 26.53
C GLU A 139 24.87 -16.39 25.99
N ARG A 140 25.33 -15.90 24.84
CA ARG A 140 26.57 -16.44 24.25
C ARG A 140 27.66 -15.40 23.92
N PHE A 141 27.56 -14.22 24.51
CA PHE A 141 28.52 -13.16 24.24
C PHE A 141 29.70 -13.02 25.21
N ALA A 142 29.43 -12.75 26.48
CA ALA A 142 30.47 -12.58 27.52
C ALA A 142 29.93 -12.90 28.92
N ASN A 143 30.70 -13.65 29.71
CA ASN A 143 30.28 -14.00 31.06
C ASN A 143 31.00 -13.16 32.09
N GLY A 144 30.42 -12.03 32.45
CA GLY A 144 31.05 -11.12 33.40
C GLY A 144 30.60 -11.29 34.83
N ASP A 145 29.56 -12.08 35.02
CA ASP A 145 28.98 -12.35 36.33
C ASP A 145 28.72 -13.85 36.38
N PRO A 146 29.61 -14.60 37.00
CA PRO A 146 29.52 -16.06 37.14
C PRO A 146 28.34 -16.55 37.98
N SER A 147 27.91 -15.76 38.95
CA SER A 147 26.79 -16.14 39.79
C SER A 147 25.46 -15.93 39.06
N ASN A 148 25.55 -15.41 37.83
CA ASN A 148 24.40 -15.13 36.97
C ASN A 148 24.10 -16.49 36.38
N ASP A 149 25.18 -17.20 36.07
CA ASP A 149 25.12 -18.48 35.44
C ASP A 149 24.00 -19.38 35.90
N PRO A 150 23.27 -19.93 34.93
CA PRO A 150 22.13 -20.84 35.09
C PRO A 150 22.70 -22.25 35.07
N PRO A 151 22.01 -23.19 35.71
CA PRO A 151 22.44 -24.59 35.77
C PRO A 151 22.84 -25.21 34.44
N GLY A 152 23.82 -26.11 34.50
CA GLY A 152 24.26 -26.82 33.32
C GLY A 152 25.09 -25.98 32.36
N THR A 153 25.55 -24.83 32.82
CA THR A 153 26.35 -24.00 31.95
C THR A 153 27.54 -24.86 31.57
N GLU A 154 27.92 -24.76 30.30
CA GLU A 154 29.03 -25.54 29.78
C GLU A 154 30.31 -24.72 29.60
N GLN A 155 31.42 -25.45 29.54
CA GLN A 155 32.72 -24.83 29.36
C GLN A 155 32.65 -23.85 28.18
N TRP A 156 33.30 -22.68 28.37
CA TRP A 156 33.36 -21.62 27.38
C TRP A 156 34.67 -21.68 26.62
N ALA A 157 34.70 -22.41 25.52
CA ALA A 157 35.92 -22.56 24.76
C ALA A 157 35.67 -22.57 23.26
N LYS A 158 36.76 -22.41 22.50
CA LYS A 158 36.69 -22.43 21.05
C LYS A 158 36.08 -23.74 20.57
N ASP A 159 36.69 -24.86 20.97
CA ASP A 159 36.18 -26.15 20.55
C ASP A 159 34.92 -26.50 21.30
N ALA A 160 33.97 -25.57 21.30
CA ALA A 160 32.70 -25.77 21.96
C ALA A 160 31.66 -25.75 20.86
N ARG A 161 30.86 -26.81 20.78
CA ARG A 161 29.85 -26.90 19.75
C ARG A 161 28.53 -26.97 20.47
N PRO A 162 27.82 -25.85 20.47
CA PRO A 162 26.52 -25.62 21.11
C PRO A 162 25.48 -26.67 20.84
N ARG A 163 24.49 -26.69 21.74
CA ARG A 163 23.38 -27.62 21.69
C ARG A 163 22.17 -26.70 21.70
N HIS A 164 21.06 -27.22 21.21
CA HIS A 164 19.80 -26.48 21.15
C HIS A 164 19.39 -26.04 22.55
N ASP A 165 19.76 -26.84 23.55
CA ASP A 165 19.46 -26.58 24.96
C ASP A 165 20.67 -26.12 25.79
N SER A 166 21.71 -25.59 25.13
CA SER A 166 22.94 -25.16 25.81
C SER A 166 22.91 -23.80 26.54
N PHE A 167 23.76 -23.68 27.56
CA PHE A 167 23.91 -22.45 28.35
C PHE A 167 25.40 -22.15 28.58
N TYR A 168 25.77 -20.87 28.54
CA TYR A 168 27.17 -20.51 28.73
C TYR A 168 27.39 -19.39 29.76
N GLY A 169 26.29 -18.87 30.29
CA GLY A 169 26.35 -17.86 31.34
C GLY A 169 26.58 -16.41 31.01
N GLY A 170 26.73 -16.12 29.73
CA GLY A 170 26.96 -14.75 29.28
C GLY A 170 25.82 -13.91 29.80
N ASP A 171 26.11 -12.69 30.26
CA ASP A 171 25.07 -11.85 30.80
C ASP A 171 25.37 -10.39 30.50
N LEU A 172 24.49 -9.51 30.96
CA LEU A 172 24.64 -8.08 30.73
C LEU A 172 25.93 -7.54 31.30
N LYS A 173 26.31 -8.04 32.48
CA LYS A 173 27.54 -7.61 33.11
C LYS A 173 28.67 -7.89 32.12
N GLY A 174 28.55 -8.98 31.38
CA GLY A 174 29.56 -9.33 30.40
C GLY A 174 29.66 -8.27 29.33
N VAL A 175 28.52 -7.78 28.88
CA VAL A 175 28.48 -6.72 27.87
C VAL A 175 29.08 -5.39 28.39
N ILE A 176 28.83 -5.04 29.64
CA ILE A 176 29.38 -3.80 30.20
C ILE A 176 30.91 -3.83 30.20
N ASP A 177 31.47 -4.97 30.64
CA ASP A 177 32.93 -5.14 30.70
C ASP A 177 33.58 -5.10 29.33
N ARG A 178 32.82 -5.43 28.29
CA ARG A 178 33.34 -5.49 26.94
C ARG A 178 33.08 -4.24 26.12
N LEU A 179 32.45 -3.23 26.72
CA LEU A 179 32.17 -2.00 25.99
C LEU A 179 33.47 -1.42 25.42
N PRO A 180 34.55 -1.45 26.20
CA PRO A 180 35.80 -0.92 25.69
C PRO A 180 36.12 -1.50 24.32
N TYR A 181 35.85 -2.79 24.19
CA TYR A 181 36.09 -3.51 22.94
C TYR A 181 35.32 -2.86 21.81
N LEU A 182 34.00 -2.82 21.96
CA LEU A 182 33.10 -2.29 20.94
C LEU A 182 33.42 -0.90 20.45
N GLU A 183 33.85 -0.04 21.35
CA GLU A 183 34.16 1.32 20.95
C GLU A 183 35.32 1.26 19.94
N GLU A 184 36.30 0.41 20.22
CA GLU A 184 37.47 0.29 19.35
C GLU A 184 37.08 -0.19 17.97
N LEU A 185 36.22 -1.19 17.90
CA LEU A 185 35.79 -1.73 16.62
C LEU A 185 35.13 -0.58 15.92
N GLY A 186 34.39 0.20 16.71
CA GLY A 186 33.69 1.38 16.21
C GLY A 186 32.18 1.30 16.02
N VAL A 187 31.54 0.31 16.63
CA VAL A 187 30.11 0.16 16.49
C VAL A 187 29.39 1.41 17.02
N THR A 188 28.27 1.75 16.39
CA THR A 188 27.47 2.92 16.77
C THR A 188 26.30 2.54 17.66
N ALA A 189 25.83 1.29 17.53
CA ALA A 189 24.71 0.81 18.34
C ALA A 189 24.69 -0.69 18.49
N LEU A 190 24.11 -1.16 19.59
CA LEU A 190 24.03 -2.58 19.85
C LEU A 190 22.59 -3.07 19.84
N TYR A 191 22.38 -4.17 19.13
CA TYR A 191 21.07 -4.79 19.04
C TYR A 191 21.14 -6.08 19.84
N PHE A 192 20.41 -6.10 20.95
CA PHE A 192 20.38 -7.23 21.86
C PHE A 192 19.19 -8.13 21.57
N THR A 193 19.40 -9.43 21.65
CA THR A 193 18.37 -10.44 21.42
C THR A 193 17.46 -10.31 22.64
N PRO A 194 16.30 -11.01 22.67
CA PRO A 194 15.49 -10.86 23.89
C PRO A 194 16.35 -11.05 25.14
N ILE A 195 16.13 -10.21 26.16
CA ILE A 195 16.89 -10.31 27.39
C ILE A 195 16.00 -10.32 28.62
N PHE A 196 14.69 -10.28 28.41
CA PHE A 196 13.78 -10.28 29.55
C PHE A 196 13.66 -11.70 30.09
N ALA A 197 13.11 -11.83 31.30
CA ALA A 197 13.00 -13.11 31.95
C ALA A 197 12.46 -14.24 31.09
N SER A 198 13.27 -15.26 30.93
CA SER A 198 12.84 -16.42 30.18
C SER A 198 13.67 -17.63 30.51
N PRO A 199 13.02 -18.78 30.64
CA PRO A 199 13.61 -20.07 30.97
C PRO A 199 14.45 -20.65 29.84
N SER A 200 14.35 -20.08 28.64
CA SER A 200 15.10 -20.57 27.50
C SER A 200 16.52 -20.01 27.38
N HIS A 201 17.20 -20.36 26.29
CA HIS A 201 18.58 -19.94 26.01
C HIS A 201 18.57 -18.64 25.24
N HIS A 202 17.56 -18.49 24.37
CA HIS A 202 17.42 -17.30 23.54
C HIS A 202 16.49 -16.27 24.18
N LYS A 203 15.67 -16.75 25.10
CA LYS A 203 14.73 -15.90 25.82
C LYS A 203 13.64 -15.35 24.92
N TYR A 204 13.35 -16.02 23.81
CA TYR A 204 12.31 -15.57 22.92
C TYR A 204 10.89 -15.88 23.43
N ASP A 205 10.81 -16.71 24.47
CA ASP A 205 9.55 -17.07 25.09
C ASP A 205 9.58 -16.36 26.43
N THR A 206 9.09 -15.11 26.45
CA THR A 206 9.08 -14.25 27.63
C THR A 206 8.27 -14.71 28.84
N ALA A 207 8.89 -14.59 30.00
CA ALA A 207 8.26 -14.94 31.26
C ALA A 207 7.68 -13.66 31.88
N ASP A 208 8.52 -12.63 31.84
CA ASP A 208 8.18 -11.33 32.39
C ASP A 208 8.72 -10.32 31.38
N TYR A 209 7.81 -9.56 30.75
CA TYR A 209 8.23 -8.56 29.78
C TYR A 209 8.83 -7.36 30.53
N LEU A 210 8.62 -7.31 31.84
CA LEU A 210 9.15 -6.22 32.63
C LEU A 210 10.29 -6.63 33.57
N ALA A 211 11.09 -7.60 33.18
CA ALA A 211 12.17 -8.01 34.06
C ALA A 211 13.38 -8.47 33.29
N ILE A 212 14.55 -8.07 33.72
CA ILE A 212 15.72 -8.53 33.03
C ILE A 212 15.74 -9.97 33.55
N ASP A 213 16.14 -10.90 32.71
CA ASP A 213 16.18 -12.27 33.15
C ASP A 213 17.33 -12.31 34.16
N PRO A 214 17.10 -12.94 35.33
CA PRO A 214 18.10 -13.05 36.39
C PRO A 214 19.51 -13.47 35.95
N GLN A 215 19.59 -14.42 35.02
CA GLN A 215 20.90 -14.85 34.53
C GLN A 215 21.50 -13.78 33.63
N PHE A 216 20.66 -12.88 33.11
CA PHE A 216 21.17 -11.81 32.28
C PHE A 216 21.46 -10.57 33.12
N GLY A 217 20.65 -10.36 34.16
CA GLY A 217 20.86 -9.23 35.04
C GLY A 217 19.66 -8.71 35.81
N ASP A 218 19.73 -7.45 36.23
CA ASP A 218 18.68 -6.83 37.00
C ASP A 218 18.58 -5.39 36.54
N LEU A 219 17.47 -4.75 36.85
CA LEU A 219 17.23 -3.39 36.40
C LEU A 219 18.45 -2.51 36.62
N PRO A 220 19.00 -2.54 37.83
CA PRO A 220 20.17 -1.69 38.06
C PRO A 220 21.27 -1.91 37.03
N THR A 221 21.70 -3.16 36.87
CA THR A 221 22.76 -3.44 35.91
C THR A 221 22.39 -2.94 34.53
N PHE A 222 21.11 -3.08 34.16
CA PHE A 222 20.70 -2.64 32.83
C PHE A 222 20.87 -1.12 32.69
N ARG A 223 20.31 -0.36 33.62
CA ARG A 223 20.44 1.07 33.57
C ARG A 223 21.92 1.32 33.42
N ARG A 224 22.69 0.56 34.19
CA ARG A 224 24.15 0.68 34.20
C ARG A 224 24.71 0.42 32.81
N LEU A 225 24.20 -0.59 32.12
CA LEU A 225 24.68 -0.87 30.79
C LEU A 225 24.34 0.28 29.85
N VAL A 226 23.08 0.68 29.82
CA VAL A 226 22.69 1.77 28.94
C VAL A 226 23.62 2.96 29.15
N ASP A 227 23.74 3.43 30.39
CA ASP A 227 24.59 4.58 30.68
C ASP A 227 26.00 4.43 30.15
N GLU A 228 26.60 3.30 30.49
CA GLU A 228 27.97 3.03 30.10
C GLU A 228 28.21 2.94 28.60
N ALA A 229 27.23 2.43 27.86
CA ALA A 229 27.37 2.32 26.41
C ALA A 229 27.19 3.69 25.75
N HIS A 230 26.19 4.44 26.24
CA HIS A 230 25.89 5.78 25.75
C HIS A 230 27.07 6.73 25.78
N ARG A 231 27.75 6.81 26.93
CA ARG A 231 28.90 7.69 27.06
C ARG A 231 30.01 7.19 26.16
N ARG A 232 29.81 6.03 25.56
CA ARG A 232 30.79 5.46 24.65
C ARG A 232 30.32 5.58 23.22
N GLY A 233 29.23 6.33 23.03
CA GLY A 233 28.70 6.51 21.69
C GLY A 233 28.04 5.29 21.09
N ILE A 234 27.52 4.41 21.94
CA ILE A 234 26.84 3.19 21.48
C ILE A 234 25.37 3.20 21.92
N LYS A 235 24.47 3.05 20.95
CA LYS A 235 23.03 3.08 21.22
C LYS A 235 22.52 1.70 21.67
N ILE A 236 21.29 1.67 22.18
CA ILE A 236 20.68 0.44 22.70
C ILE A 236 19.40 0.02 21.92
N ILE A 237 19.46 -1.12 21.24
CA ILE A 237 18.26 -1.59 20.55
C ILE A 237 17.95 -2.96 21.13
N LEU A 238 16.78 -3.11 21.76
CA LEU A 238 16.37 -4.38 22.38
C LEU A 238 15.39 -5.13 21.50
N ASP A 239 15.36 -6.45 21.66
CA ASP A 239 14.48 -7.30 20.86
C ASP A 239 13.06 -7.23 21.41
N ALA A 240 12.13 -6.78 20.58
CA ALA A 240 10.76 -6.66 21.04
C ALA A 240 9.99 -7.85 20.51
N VAL A 241 9.59 -8.71 21.44
CA VAL A 241 8.87 -9.94 21.10
C VAL A 241 7.38 -9.80 21.34
N PHE A 242 6.66 -9.15 20.43
CA PHE A 242 5.22 -9.00 20.64
C PHE A 242 4.36 -10.00 19.87
N ASN A 243 4.94 -10.88 19.06
CA ASN A 243 4.09 -11.78 18.32
C ASN A 243 3.59 -12.87 19.20
N HIS A 244 4.49 -13.35 20.07
CA HIS A 244 4.15 -14.41 21.01
C HIS A 244 4.82 -14.25 22.35
N ALA A 245 4.21 -14.87 23.35
CA ALA A 245 4.69 -14.81 24.70
C ALA A 245 5.18 -16.20 25.08
N GLY A 246 5.78 -16.32 26.26
CA GLY A 246 6.24 -17.61 26.74
C GLY A 246 5.11 -18.33 27.49
N ASP A 247 5.25 -19.65 27.64
CA ASP A 247 4.24 -20.43 28.32
C ASP A 247 4.23 -20.02 29.78
N GLN A 248 5.24 -19.26 30.18
CA GLN A 248 5.34 -18.77 31.54
C GLN A 248 4.80 -17.35 31.74
N PHE A 249 4.40 -16.71 30.64
CA PHE A 249 3.83 -15.37 30.68
C PHE A 249 2.68 -15.48 31.67
N PHE A 250 2.70 -14.63 32.69
CA PHE A 250 1.70 -14.66 33.74
C PHE A 250 0.24 -14.89 33.31
N ALA A 251 -0.18 -14.24 32.22
CA ALA A 251 -1.55 -14.39 31.73
C ALA A 251 -1.81 -15.77 31.13
N PHE A 252 -0.80 -16.39 30.54
CA PHE A 252 -1.01 -17.70 29.96
C PHE A 252 -1.10 -18.68 31.11
N ARG A 253 -0.33 -18.43 32.18
CA ARG A 253 -0.36 -19.30 33.34
C ARG A 253 -1.81 -19.31 33.82
N ASP A 254 -2.40 -18.13 33.81
CA ASP A 254 -3.78 -17.92 34.25
C ASP A 254 -4.68 -18.83 33.44
N VAL A 255 -4.50 -18.80 32.13
CA VAL A 255 -5.29 -19.65 31.24
C VAL A 255 -4.99 -21.16 31.49
N LEU A 256 -3.75 -21.46 31.83
CA LEU A 256 -3.35 -22.84 32.08
C LEU A 256 -3.91 -23.37 33.38
N GLN A 257 -4.38 -22.46 34.23
CA GLN A 257 -4.91 -22.87 35.52
C GLN A 257 -6.41 -22.68 35.70
N LYS A 258 -6.93 -21.52 35.29
CA LYS A 258 -8.35 -21.25 35.48
C LYS A 258 -9.23 -21.53 34.26
N GLY A 259 -8.65 -22.15 33.24
CA GLY A 259 -9.40 -22.45 32.03
C GLY A 259 -10.21 -21.27 31.54
N GLU A 260 -11.46 -21.52 31.12
CA GLU A 260 -12.32 -20.44 30.62
C GLU A 260 -12.65 -19.35 31.65
N GLN A 261 -12.42 -19.62 32.93
CA GLN A 261 -12.75 -18.64 33.96
C GLN A 261 -11.68 -17.58 34.06
N SER A 262 -10.62 -17.76 33.28
CA SER A 262 -9.50 -16.82 33.24
C SER A 262 -9.93 -15.54 32.50
N ARG A 263 -9.47 -14.39 32.98
CA ARG A 263 -9.83 -13.13 32.34
C ARG A 263 -8.89 -12.93 31.14
N TYR A 264 -7.94 -13.85 30.97
CA TYR A 264 -6.97 -13.73 29.89
C TYR A 264 -7.12 -14.72 28.77
N LYS A 265 -8.20 -15.48 28.75
CA LYS A 265 -8.36 -16.44 27.68
C LYS A 265 -8.25 -15.74 26.32
N ASP A 266 -8.78 -14.52 26.25
CA ASP A 266 -8.78 -13.73 25.01
C ASP A 266 -7.46 -13.03 24.62
N TRP A 267 -6.37 -13.41 25.27
CA TRP A 267 -5.07 -12.83 24.96
C TRP A 267 -4.31 -13.79 24.05
N PHE A 268 -4.89 -14.95 23.80
CA PHE A 268 -4.25 -15.94 22.93
C PHE A 268 -5.23 -16.58 21.93
N PHE A 269 -4.73 -17.50 21.11
CA PHE A 269 -5.54 -18.18 20.11
C PHE A 269 -5.70 -19.62 20.56
N ILE A 270 -6.82 -19.91 21.22
CA ILE A 270 -7.09 -21.26 21.74
C ILE A 270 -8.28 -21.97 21.10
N GLU A 271 -8.07 -23.21 20.68
CA GLU A 271 -9.13 -24.01 20.08
C GLU A 271 -10.08 -24.62 21.11
N ASP A 272 -9.55 -25.62 21.82
CA ASP A 272 -10.27 -26.39 22.82
C ASP A 272 -9.70 -26.32 24.23
N PHE A 273 -10.58 -26.24 25.22
CA PHE A 273 -10.13 -26.26 26.61
C PHE A 273 -10.28 -27.69 27.09
N PRO A 274 -9.45 -28.13 28.06
CA PRO A 274 -8.38 -27.39 28.76
C PRO A 274 -7.15 -27.29 27.87
N VAL A 275 -6.22 -26.41 28.21
CA VAL A 275 -5.04 -26.24 27.38
C VAL A 275 -4.10 -27.43 27.57
N SER A 276 -3.59 -27.97 26.46
CA SER A 276 -2.73 -29.13 26.48
C SER A 276 -1.38 -28.96 25.79
N LYS A 277 -0.40 -28.42 26.50
CA LYS A 277 0.93 -28.21 25.90
C LYS A 277 1.76 -29.50 25.80
N THR A 278 1.10 -30.66 25.89
CA THR A 278 1.77 -31.96 25.82
C THR A 278 2.82 -32.17 24.71
N SER A 279 2.34 -32.28 23.47
CA SER A 279 3.19 -32.50 22.28
C SER A 279 2.44 -31.82 21.13
N ARG A 280 1.12 -31.77 21.27
CA ARG A 280 0.28 -31.10 20.29
C ARG A 280 -0.21 -29.89 21.06
N THR A 281 -1.03 -29.04 20.45
CA THR A 281 -1.52 -27.88 21.16
C THR A 281 -2.93 -27.57 20.74
N ASN A 282 -3.64 -26.88 21.64
CA ASN A 282 -5.00 -26.47 21.36
C ASN A 282 -4.96 -24.94 21.29
N TYR A 283 -3.77 -24.42 21.05
CA TYR A 283 -3.61 -22.98 20.92
C TYR A 283 -2.54 -22.72 19.84
N GLU A 284 -2.65 -21.59 19.16
CA GLU A 284 -1.74 -21.22 18.08
C GLU A 284 -0.43 -20.69 18.61
N THR A 285 0.66 -21.24 18.10
CA THR A 285 1.98 -20.85 18.56
C THR A 285 2.75 -20.26 17.43
N PHE A 286 3.97 -19.90 17.75
CA PHE A 286 4.91 -19.32 16.80
C PHE A 286 5.03 -20.03 15.45
N ALA A 287 5.72 -21.16 15.42
CA ALA A 287 5.93 -21.87 14.16
C ALA A 287 4.82 -22.83 13.79
N VAL A 288 4.94 -24.07 14.22
CA VAL A 288 3.94 -25.08 13.89
C VAL A 288 3.43 -25.58 15.24
N GLN A 289 4.27 -26.34 15.92
CA GLN A 289 3.93 -26.84 17.23
C GLN A 289 5.05 -26.41 18.16
N VAL A 290 4.90 -25.26 18.79
CA VAL A 290 5.93 -24.74 19.72
C VAL A 290 5.25 -24.16 20.96
N PRO A 291 5.02 -25.04 21.95
CA PRO A 291 4.38 -24.86 23.25
C PRO A 291 4.78 -23.68 24.11
N ALA A 292 6.06 -23.36 24.14
CA ALA A 292 6.51 -22.24 24.98
C ALA A 292 6.21 -20.86 24.42
N MET A 293 5.60 -20.79 23.24
CA MET A 293 5.33 -19.50 22.63
C MET A 293 3.90 -19.35 22.13
N PRO A 294 2.93 -19.28 23.04
CA PRO A 294 1.55 -19.13 22.53
C PRO A 294 1.48 -17.78 21.85
N LYS A 295 0.87 -17.74 20.66
CA LYS A 295 0.78 -16.46 19.96
C LYS A 295 0.03 -15.48 20.83
N LEU A 296 0.35 -14.21 20.65
CA LEU A 296 -0.33 -13.17 21.39
C LEU A 296 -1.31 -12.44 20.46
N ARG A 297 -2.51 -12.22 20.97
CA ARG A 297 -3.52 -11.54 20.18
C ARG A 297 -3.34 -10.03 20.24
N THR A 298 -2.39 -9.56 19.43
CA THR A 298 -2.03 -8.16 19.31
C THR A 298 -3.18 -7.33 18.79
N GLU A 299 -4.19 -8.01 18.28
CA GLU A 299 -5.35 -7.31 17.77
C GLU A 299 -6.26 -6.91 18.95
N ASN A 300 -6.12 -7.63 20.07
CA ASN A 300 -6.92 -7.36 21.24
C ASN A 300 -6.51 -6.01 21.82
N PRO A 301 -7.44 -5.05 21.88
CA PRO A 301 -7.06 -3.74 22.42
C PRO A 301 -6.32 -3.85 23.74
N GLU A 302 -6.73 -4.80 24.56
CA GLU A 302 -6.12 -5.00 25.87
C GLU A 302 -4.67 -5.50 25.82
N VAL A 303 -4.42 -6.52 24.99
CA VAL A 303 -3.08 -7.10 24.85
C VAL A 303 -2.18 -5.99 24.34
N LYS A 304 -2.72 -5.18 23.44
CA LYS A 304 -1.97 -4.07 22.87
C LYS A 304 -1.66 -3.03 23.93
N GLU A 305 -2.63 -2.74 24.78
CA GLU A 305 -2.38 -1.76 25.80
C GLU A 305 -1.23 -2.23 26.68
N TYR A 306 -1.18 -3.54 26.92
CA TYR A 306 -0.12 -4.11 27.75
C TYR A 306 1.25 -3.97 27.12
N LEU A 307 1.41 -4.46 25.90
CA LEU A 307 2.69 -4.40 25.25
C LEU A 307 3.23 -2.98 25.08
N PHE A 308 2.35 -1.99 24.87
CA PHE A 308 2.85 -0.62 24.72
C PHE A 308 3.40 -0.18 26.07
N ASP A 309 2.77 -0.63 27.15
CA ASP A 309 3.26 -0.27 28.48
C ASP A 309 4.63 -0.89 28.65
N VAL A 310 4.77 -2.12 28.20
CA VAL A 310 6.04 -2.84 28.29
C VAL A 310 7.06 -1.97 27.59
N ALA A 311 6.65 -1.43 26.45
CA ALA A 311 7.50 -0.55 25.67
C ALA A 311 7.80 0.76 26.44
N ARG A 312 6.78 1.35 27.06
CA ARG A 312 6.95 2.60 27.83
C ARG A 312 7.97 2.38 28.93
N PHE A 313 7.77 1.33 29.71
CA PHE A 313 8.66 1.00 30.82
C PHE A 313 10.12 0.97 30.40
N TRP A 314 10.45 0.10 29.46
CA TRP A 314 11.81 -0.05 29.00
C TRP A 314 12.30 1.20 28.32
N MET A 315 11.39 1.95 27.71
CA MET A 315 11.83 3.16 27.06
C MET A 315 12.17 4.19 28.10
N GLU A 316 11.63 4.01 29.31
CA GLU A 316 11.90 4.92 30.43
C GLU A 316 13.34 4.72 30.94
N GLN A 317 13.94 3.58 30.58
CA GLN A 317 15.30 3.24 30.97
C GLN A 317 16.41 3.79 30.03
N GLY A 318 15.99 4.43 28.94
CA GLY A 318 16.97 4.99 28.02
C GLY A 318 17.39 4.22 26.78
N ILE A 319 16.65 3.16 26.39
CA ILE A 319 17.01 2.42 25.19
C ILE A 319 16.76 3.26 23.94
N ASP A 320 17.35 2.85 22.82
CA ASP A 320 17.22 3.60 21.58
C ASP A 320 16.42 3.02 20.39
N GLY A 321 15.80 1.87 20.56
CA GLY A 321 15.04 1.36 19.44
C GLY A 321 14.60 -0.07 19.57
N TRP A 322 13.93 -0.59 18.54
CA TRP A 322 13.46 -1.96 18.61
C TRP A 322 13.68 -2.74 17.32
N ARG A 323 14.00 -4.03 17.49
CA ARG A 323 14.13 -4.97 16.39
C ARG A 323 12.86 -5.71 16.73
N LEU A 324 11.94 -5.86 15.78
CA LEU A 324 10.65 -6.51 16.09
C LEU A 324 10.55 -7.97 15.63
N ASN A 325 10.63 -8.89 16.59
CA ASN A 325 10.57 -10.31 16.28
C ASN A 325 9.24 -10.68 15.62
N VAL A 326 9.33 -11.49 14.57
CA VAL A 326 8.19 -11.93 13.76
C VAL A 326 7.17 -10.81 13.62
N ALA A 327 7.64 -9.61 13.31
CA ALA A 327 6.76 -8.46 13.22
C ALA A 327 5.68 -8.64 12.19
N ASN A 328 6.02 -9.28 11.08
CA ASN A 328 5.04 -9.46 9.99
C ASN A 328 3.88 -10.34 10.37
N GLU A 329 3.89 -10.89 11.57
CA GLU A 329 2.78 -11.72 11.95
C GLU A 329 1.89 -11.02 12.93
N VAL A 330 2.16 -9.75 13.17
CA VAL A 330 1.29 -8.98 14.04
C VAL A 330 0.70 -7.90 13.14
N ASP A 331 -0.60 -7.65 13.31
CA ASP A 331 -1.35 -6.70 12.48
C ASP A 331 -0.65 -5.36 12.24
N HIS A 332 -0.84 -4.80 11.06
CA HIS A 332 -0.23 -3.52 10.78
C HIS A 332 -0.86 -2.51 11.73
N ALA A 333 -2.12 -2.72 12.04
CA ALA A 333 -2.87 -1.84 12.92
C ALA A 333 -2.07 -1.57 14.18
N PHE A 334 -1.61 -2.65 14.80
CA PHE A 334 -0.80 -2.57 16.01
C PHE A 334 0.45 -1.77 15.76
N TRP A 335 1.16 -2.10 14.69
CA TRP A 335 2.41 -1.44 14.35
C TRP A 335 2.26 0.05 14.02
N ARG A 336 1.16 0.42 13.35
CA ARG A 336 0.96 1.83 13.02
C ARG A 336 0.75 2.61 14.28
N GLU A 337 0.01 2.04 15.21
CA GLU A 337 -0.20 2.72 16.46
C GLU A 337 1.14 2.73 17.20
N PHE A 338 1.90 1.65 17.05
CA PHE A 338 3.19 1.53 17.73
C PHE A 338 4.16 2.65 17.35
N ARG A 339 4.35 2.86 16.07
CA ARG A 339 5.23 3.91 15.64
C ARG A 339 4.73 5.19 16.29
N ARG A 340 3.42 5.40 16.24
CA ARG A 340 2.78 6.59 16.82
C ARG A 340 3.26 6.78 18.28
N LEU A 341 3.25 5.70 19.04
CA LEU A 341 3.65 5.74 20.45
C LEU A 341 5.13 6.00 20.65
N VAL A 342 5.95 5.05 20.19
CA VAL A 342 7.39 5.16 20.34
C VAL A 342 7.89 6.53 19.93
N LYS A 343 7.53 6.97 18.73
CA LYS A 343 8.00 8.27 18.27
C LYS A 343 7.51 9.39 19.18
N SER A 344 6.38 9.18 19.84
CA SER A 344 5.82 10.18 20.74
C SER A 344 6.73 10.38 21.97
N LEU A 345 7.34 9.29 22.43
CA LEU A 345 8.21 9.32 23.59
C LEU A 345 9.63 9.74 23.27
N ASN A 346 10.09 9.37 22.07
CA ASN A 346 11.43 9.69 21.59
C ASN A 346 11.44 9.69 20.04
N PRO A 347 11.58 10.87 19.43
CA PRO A 347 11.59 10.99 17.96
C PRO A 347 12.69 10.17 17.29
N ASP A 348 13.79 9.99 18.02
CA ASP A 348 14.93 9.26 17.52
C ASP A 348 14.98 7.80 17.90
N ALA A 349 13.93 7.30 18.56
CA ALA A 349 13.94 5.89 18.90
C ALA A 349 13.84 5.21 17.53
N LEU A 350 14.62 4.17 17.31
CA LEU A 350 14.61 3.46 16.03
C LEU A 350 13.62 2.32 15.96
N ILE A 351 12.88 2.22 14.85
CA ILE A 351 11.89 1.16 14.66
C ILE A 351 12.37 0.20 13.58
N VAL A 352 12.73 -1.03 13.97
CA VAL A 352 13.23 -2.00 13.02
C VAL A 352 12.41 -3.28 13.03
N GLY A 353 11.89 -3.65 11.86
CA GLY A 353 11.09 -4.86 11.74
C GLY A 353 11.86 -6.06 11.23
N GLU A 354 11.41 -7.26 11.61
CA GLU A 354 12.08 -8.48 11.18
C GLU A 354 11.26 -9.27 10.16
N ILE A 355 11.38 -8.90 8.88
CA ILE A 355 10.65 -9.59 7.81
C ILE A 355 11.72 -10.14 6.86
N TRP A 356 11.79 -11.45 6.75
CA TRP A 356 12.82 -12.05 5.91
C TRP A 356 12.39 -12.06 4.44
N HIS A 357 11.62 -11.04 4.03
CA HIS A 357 11.13 -11.00 2.65
C HIS A 357 10.57 -9.64 2.35
N ASP A 358 10.26 -9.40 1.08
CA ASP A 358 9.72 -8.13 0.64
C ASP A 358 8.78 -7.52 1.68
N ALA A 359 9.31 -6.54 2.42
CA ALA A 359 8.61 -5.84 3.49
C ALA A 359 8.14 -4.47 3.04
N SER A 360 8.06 -4.28 1.73
CA SER A 360 7.67 -3.01 1.17
C SER A 360 6.44 -2.39 1.83
N GLY A 361 5.49 -3.23 2.25
CA GLY A 361 4.29 -2.71 2.89
C GLY A 361 4.49 -2.06 4.24
N TRP A 362 5.63 -2.35 4.88
CA TRP A 362 5.90 -1.80 6.20
C TRP A 362 6.84 -0.60 6.07
N LEU A 363 7.39 -0.45 4.87
CA LEU A 363 8.34 0.60 4.61
C LEU A 363 7.74 1.71 3.77
N MET A 364 6.52 2.09 4.12
CA MET A 364 5.82 3.18 3.44
C MET A 364 5.87 4.48 4.26
N GLY A 365 6.35 4.38 5.50
CA GLY A 365 6.47 5.56 6.35
C GLY A 365 5.59 5.59 7.59
N ASP A 366 4.55 4.77 7.60
CA ASP A 366 3.63 4.74 8.72
C ASP A 366 3.95 3.65 9.77
N GLN A 367 4.88 2.77 9.46
CA GLN A 367 5.19 1.70 10.40
C GLN A 367 6.65 1.59 10.81
N PHE A 368 7.47 1.04 9.94
CA PHE A 368 8.88 0.87 10.25
C PHE A 368 9.82 1.81 9.48
N ASP A 369 11.03 1.96 10.02
CA ASP A 369 12.09 2.76 9.44
C ASP A 369 12.94 1.86 8.56
N SER A 370 12.93 0.57 8.88
CA SER A 370 13.66 -0.42 8.12
C SER A 370 13.34 -1.81 8.63
N VAL A 371 13.99 -2.80 8.04
CA VAL A 371 13.81 -4.20 8.41
C VAL A 371 15.18 -4.82 8.21
N MET A 372 15.44 -6.00 8.76
CA MET A 372 16.74 -6.61 8.51
C MET A 372 16.62 -7.04 7.04
N ASN A 373 17.54 -6.58 6.20
CA ASN A 373 17.47 -6.84 4.78
C ASN A 373 17.75 -8.29 4.44
N TYR A 374 16.67 -9.02 4.25
CA TYR A 374 16.71 -10.43 3.90
C TYR A 374 17.44 -10.66 2.59
N LEU A 375 17.15 -9.83 1.59
CA LEU A 375 17.73 -10.01 0.28
C LEU A 375 19.16 -9.62 0.25
N PHE A 376 19.47 -8.45 0.78
CA PHE A 376 20.86 -8.05 0.75
C PHE A 376 21.65 -9.30 1.14
N ARG A 377 21.21 -9.94 2.22
CA ARG A 377 21.85 -11.14 2.72
C ARG A 377 21.94 -12.18 1.60
N GLU A 378 20.80 -12.48 0.99
CA GLU A 378 20.77 -13.47 -0.10
C GLU A 378 21.60 -13.10 -1.32
N SER A 379 21.47 -11.86 -1.79
CA SER A 379 22.22 -11.45 -2.95
C SER A 379 23.70 -11.61 -2.65
N VAL A 380 24.09 -11.24 -1.44
CA VAL A 380 25.50 -11.33 -1.02
C VAL A 380 25.95 -12.79 -0.93
N ILE A 381 25.05 -13.68 -0.51
CA ILE A 381 25.37 -15.09 -0.41
C ILE A 381 25.65 -15.64 -1.80
N ARG A 382 24.72 -15.43 -2.70
CA ARG A 382 24.84 -15.93 -4.06
C ARG A 382 26.03 -15.36 -4.84
N PHE A 383 26.43 -14.12 -4.56
CA PHE A 383 27.54 -13.53 -5.30
C PHE A 383 28.95 -13.77 -4.76
N PHE A 384 29.12 -13.55 -3.47
CA PHE A 384 30.40 -13.71 -2.80
C PHE A 384 30.68 -15.13 -2.32
N ALA A 385 29.69 -15.71 -1.65
CA ALA A 385 29.81 -17.05 -1.08
C ALA A 385 29.68 -18.21 -2.07
N THR A 386 28.44 -18.52 -2.44
CA THR A 386 28.18 -19.63 -3.33
C THR A 386 28.57 -19.45 -4.79
N GLY A 387 28.45 -18.23 -5.29
CA GLY A 387 28.79 -17.99 -6.68
C GLY A 387 27.64 -18.43 -7.58
N GLU A 388 26.46 -18.62 -6.98
CA GLU A 388 25.30 -19.05 -7.75
C GLU A 388 24.98 -18.02 -8.84
N ILE A 389 25.46 -16.78 -8.68
CA ILE A 389 25.22 -15.74 -9.67
C ILE A 389 26.48 -14.94 -10.00
N HIS A 390 26.49 -14.35 -11.19
CA HIS A 390 27.65 -13.56 -11.65
C HIS A 390 27.43 -12.08 -11.41
N ALA A 391 28.48 -11.29 -11.61
CA ALA A 391 28.43 -9.86 -11.38
C ALA A 391 27.20 -9.15 -11.93
N GLU A 392 26.79 -9.47 -13.14
CA GLU A 392 25.64 -8.80 -13.72
C GLU A 392 24.33 -9.11 -13.04
N ARG A 393 24.19 -10.34 -12.53
CA ARG A 393 22.98 -10.73 -11.81
C ARG A 393 23.02 -10.01 -10.47
N PHE A 394 24.20 -9.91 -9.91
CA PHE A 394 24.36 -9.21 -8.66
C PHE A 394 23.79 -7.81 -8.78
N ASP A 395 24.23 -7.08 -9.81
CA ASP A 395 23.74 -5.72 -10.02
C ASP A 395 22.22 -5.74 -10.17
N ALA A 396 21.74 -6.71 -10.92
CA ALA A 396 20.31 -6.83 -11.12
C ALA A 396 19.58 -7.02 -9.78
N GLU A 397 19.90 -8.09 -9.05
CA GLU A 397 19.26 -8.36 -7.77
C GLU A 397 19.45 -7.17 -6.84
N LEU A 398 20.68 -6.68 -6.80
CA LEU A 398 21.07 -5.56 -5.95
C LEU A 398 20.18 -4.35 -6.23
N THR A 399 20.07 -4.00 -7.51
CA THR A 399 19.27 -2.85 -7.96
C THR A 399 17.76 -3.06 -7.85
N ARG A 400 17.27 -4.18 -8.32
CA ARG A 400 15.85 -4.46 -8.29
C ARG A 400 15.25 -4.19 -6.91
N ALA A 401 15.92 -4.68 -5.87
CA ALA A 401 15.43 -4.48 -4.51
C ALA A 401 15.37 -3.00 -4.12
N ARG A 402 16.45 -2.27 -4.34
CA ARG A 402 16.49 -0.85 -4.01
C ARG A 402 15.22 -0.15 -4.49
N MET A 403 14.80 -0.46 -5.71
CA MET A 403 13.60 0.14 -6.30
C MET A 403 12.34 -0.37 -5.65
N LEU A 404 12.49 -1.32 -4.74
CA LEU A 404 11.38 -1.93 -4.05
C LEU A 404 10.71 -1.01 -3.04
N TYR A 405 11.53 -0.30 -2.27
CA TYR A 405 11.01 0.57 -1.21
C TYR A 405 11.37 2.02 -1.51
N PRO A 406 10.79 2.94 -0.74
CA PRO A 406 11.02 4.39 -0.87
C PRO A 406 12.46 4.71 -0.44
N GLU A 407 13.04 5.75 -1.02
CA GLU A 407 14.42 6.07 -0.67
C GLU A 407 14.69 6.13 0.84
N GLN A 408 13.76 6.71 1.60
CA GLN A 408 13.95 6.83 3.04
C GLN A 408 14.24 5.51 3.71
N ALA A 409 13.65 4.44 3.19
CA ALA A 409 13.83 3.14 3.81
C ALA A 409 15.14 2.50 3.44
N ALA A 410 15.37 2.40 2.13
CA ALA A 410 16.57 1.79 1.62
C ALA A 410 17.79 2.39 2.27
N GLN A 411 17.70 3.69 2.56
CA GLN A 411 18.81 4.40 3.17
C GLN A 411 19.23 3.77 4.49
N GLY A 412 18.27 3.20 5.20
CA GLY A 412 18.53 2.62 6.50
C GLY A 412 18.40 1.13 6.65
N LEU A 413 18.07 0.43 5.58
CA LEU A 413 17.92 -1.01 5.67
C LEU A 413 19.10 -1.66 6.38
N TRP A 414 18.79 -2.57 7.30
CA TRP A 414 19.82 -3.30 8.04
C TRP A 414 20.32 -4.43 7.17
N ASN A 415 21.45 -4.18 6.53
CA ASN A 415 22.09 -5.14 5.65
C ASN A 415 23.02 -6.00 6.47
N LEU A 416 22.57 -7.18 6.83
CA LEU A 416 23.40 -8.08 7.63
C LEU A 416 23.98 -9.14 6.72
N LEU A 417 24.97 -9.87 7.22
CA LEU A 417 25.54 -10.97 6.45
C LEU A 417 25.00 -12.26 7.04
N ASP A 418 24.53 -12.14 8.28
CA ASP A 418 23.99 -13.26 9.00
C ASP A 418 23.35 -12.84 10.31
N SER A 419 22.68 -13.79 10.96
CA SER A 419 22.04 -13.53 12.23
C SER A 419 22.09 -14.83 13.02
N HIS A 420 21.42 -14.87 14.17
CA HIS A 420 21.41 -16.06 15.01
C HIS A 420 20.56 -17.21 14.45
N ASP A 421 19.95 -16.99 13.28
CA ASP A 421 19.15 -18.03 12.68
C ASP A 421 19.70 -18.61 11.40
N THR A 422 20.97 -18.34 11.10
CA THR A 422 21.57 -18.87 9.88
C THR A 422 22.99 -19.28 10.11
N GLU A 423 23.63 -19.84 9.10
CA GLU A 423 25.02 -20.23 9.26
C GLU A 423 25.81 -18.93 9.27
N ARG A 424 27.03 -18.98 9.80
CA ARG A 424 27.84 -17.78 9.83
C ARG A 424 28.40 -17.61 8.43
N PHE A 425 28.64 -16.37 8.04
CA PHE A 425 29.11 -16.09 6.69
C PHE A 425 30.48 -16.66 6.36
N LEU A 426 31.35 -16.84 7.35
CA LEU A 426 32.69 -17.37 7.05
C LEU A 426 32.53 -18.79 6.51
N THR A 427 31.74 -19.61 7.20
CA THR A 427 31.50 -20.97 6.76
C THR A 427 30.55 -20.95 5.56
N SER A 428 29.70 -19.93 5.50
CA SER A 428 28.77 -19.80 4.39
C SER A 428 29.63 -19.74 3.12
N CYS A 429 30.85 -19.22 3.28
CA CYS A 429 31.80 -19.09 2.18
C CYS A 429 32.76 -20.27 2.10
N GLY A 430 32.46 -21.34 2.82
CA GLY A 430 33.33 -22.49 2.80
C GLY A 430 34.67 -22.13 3.39
N GLY A 431 34.63 -21.26 4.39
CA GLY A 431 35.84 -20.87 5.07
C GLY A 431 36.77 -20.01 4.27
N ASN A 432 36.35 -19.61 3.07
CA ASN A 432 37.24 -18.78 2.28
C ASN A 432 37.16 -17.35 2.79
N GLU A 433 38.15 -16.97 3.61
CA GLU A 433 38.17 -15.63 4.17
C GLU A 433 38.32 -14.59 3.09
N ALA A 434 39.06 -14.95 2.05
CA ALA A 434 39.28 -14.02 0.97
C ALA A 434 37.92 -13.57 0.48
N LYS A 435 37.08 -14.53 0.12
CA LYS A 435 35.77 -14.21 -0.39
C LYS A 435 35.03 -13.46 0.71
N PHE A 436 35.20 -13.91 1.93
CA PHE A 436 34.53 -13.31 3.06
C PHE A 436 34.75 -11.82 3.13
N ARG A 437 36.02 -11.42 3.23
CA ARG A 437 36.35 -10.00 3.35
C ARG A 437 35.70 -9.16 2.28
N LEU A 438 35.68 -9.68 1.07
CA LEU A 438 35.12 -8.90 -0.02
C LEU A 438 33.65 -8.60 0.29
N ALA A 439 32.95 -9.56 0.86
CA ALA A 439 31.55 -9.35 1.19
C ALA A 439 31.38 -8.32 2.32
N VAL A 440 32.21 -8.40 3.36
CA VAL A 440 32.09 -7.42 4.42
C VAL A 440 32.58 -6.09 3.85
N LEU A 441 33.57 -6.13 2.98
CA LEU A 441 34.05 -4.90 2.39
C LEU A 441 32.91 -4.22 1.68
N PHE A 442 32.16 -5.02 0.93
CA PHE A 442 31.02 -4.50 0.20
C PHE A 442 29.90 -4.11 1.14
N GLN A 443 29.56 -5.01 2.05
CA GLN A 443 28.51 -4.76 3.03
C GLN A 443 28.74 -3.41 3.71
N MET A 444 30.00 -3.17 4.02
CA MET A 444 30.43 -1.97 4.70
C MET A 444 30.46 -0.75 3.81
N THR A 445 30.21 -0.91 2.52
CA THR A 445 30.24 0.25 1.65
C THR A 445 28.99 0.51 0.85
N TYR A 446 28.03 -0.39 0.93
CA TYR A 446 26.81 -0.30 0.14
C TYR A 446 25.73 0.53 0.83
N LEU A 447 24.64 0.80 0.12
CA LEU A 447 23.55 1.59 0.65
C LEU A 447 22.77 0.87 1.74
N GLY A 448 22.80 1.42 2.95
CA GLY A 448 22.09 0.80 4.07
C GLY A 448 22.86 0.82 5.37
N THR A 449 22.32 0.20 6.42
CA THR A 449 22.99 0.17 7.73
C THR A 449 23.67 -1.15 7.98
N PRO A 450 25.01 -1.16 8.06
CA PRO A 450 25.78 -2.37 8.30
C PRO A 450 25.43 -3.02 9.63
N LEU A 451 25.30 -4.34 9.63
CA LEU A 451 25.03 -5.06 10.86
C LEU A 451 26.03 -6.19 11.03
N ILE A 452 26.90 -6.06 12.00
CA ILE A 452 27.90 -7.09 12.18
C ILE A 452 27.30 -8.11 13.11
N TYR A 453 27.45 -9.39 12.80
CA TYR A 453 26.95 -10.42 13.69
C TYR A 453 28.07 -10.68 14.66
N TYR A 454 27.76 -10.62 15.96
CA TYR A 454 28.78 -10.83 16.99
C TYR A 454 29.70 -12.00 16.68
N GLY A 455 31.01 -11.75 16.74
CA GLY A 455 31.97 -12.79 16.47
C GLY A 455 32.47 -12.81 15.03
N ASP A 456 31.67 -12.31 14.09
CA ASP A 456 32.12 -12.31 12.72
C ASP A 456 33.45 -11.60 12.61
N GLU A 457 33.54 -10.43 13.23
CA GLU A 457 34.78 -9.65 13.16
C GLU A 457 36.02 -10.36 13.64
N ILE A 458 35.88 -11.50 14.32
CA ILE A 458 37.07 -12.21 14.77
C ILE A 458 37.25 -13.53 14.08
N GLY A 459 36.55 -13.72 12.97
CA GLY A 459 36.71 -14.95 12.22
C GLY A 459 35.97 -16.11 12.82
N MET A 460 34.95 -15.80 13.61
CA MET A 460 34.17 -16.85 14.25
C MET A 460 33.37 -17.52 13.16
N ALA A 461 33.07 -18.79 13.37
CA ALA A 461 32.32 -19.55 12.40
C ALA A 461 31.26 -20.39 13.10
N GLY A 462 30.48 -21.10 12.31
CA GLY A 462 29.46 -21.95 12.90
C GLY A 462 28.36 -22.18 11.90
N ALA A 463 27.75 -23.36 11.99
CA ALA A 463 26.65 -23.66 11.09
C ALA A 463 25.44 -22.89 11.58
N THR A 464 24.33 -23.02 10.87
CA THR A 464 23.11 -22.34 11.24
C THR A 464 22.70 -22.76 12.65
N ASP A 465 21.72 -22.06 13.22
CA ASP A 465 21.22 -22.35 14.56
C ASP A 465 21.28 -23.85 14.83
N PRO A 466 21.80 -24.23 16.03
CA PRO A 466 22.29 -23.37 17.09
C PRO A 466 23.79 -23.19 17.04
N ASP A 467 24.43 -23.75 16.01
CA ASP A 467 25.88 -23.63 15.91
C ASP A 467 26.40 -22.22 15.67
N CYS A 468 25.53 -21.32 15.24
CA CYS A 468 25.93 -19.95 15.01
C CYS A 468 25.87 -19.18 16.31
N ARG A 469 25.42 -19.85 17.37
CA ARG A 469 25.34 -19.21 18.68
C ARG A 469 26.47 -19.71 19.60
N ARG A 470 27.70 -19.73 19.08
CA ARG A 470 28.86 -20.18 19.84
C ARG A 470 29.39 -19.06 20.71
N PRO A 471 29.92 -19.40 21.90
CA PRO A 471 30.45 -18.35 22.77
C PRO A 471 31.61 -17.58 22.13
N MET A 472 31.45 -16.26 22.11
CA MET A 472 32.43 -15.36 21.53
C MET A 472 33.84 -15.73 21.91
N ILE A 473 34.73 -15.78 20.92
CA ILE A 473 36.11 -16.13 21.19
C ILE A 473 36.77 -14.89 21.75
N TRP A 474 37.11 -14.89 23.03
CA TRP A 474 37.76 -13.70 23.62
C TRP A 474 39.29 -13.77 23.76
N GLU A 475 39.89 -14.91 23.47
CA GLU A 475 41.35 -15.03 23.55
C GLU A 475 42.00 -14.52 22.26
N GLU A 476 42.72 -13.40 22.36
CA GLU A 476 43.36 -12.79 21.21
C GLU A 476 44.12 -13.74 20.29
N LYS A 477 44.78 -14.75 20.83
CA LYS A 477 45.54 -15.66 19.99
C LYS A 477 44.73 -16.58 19.08
N GLU A 478 43.44 -16.70 19.33
CA GLU A 478 42.56 -17.54 18.52
C GLU A 478 41.58 -16.63 17.80
N GLN A 479 41.86 -15.33 17.87
CA GLN A 479 41.06 -14.30 17.23
C GLN A 479 41.74 -13.92 15.90
N ASN A 480 40.93 -13.56 14.92
CA ASN A 480 41.44 -13.15 13.63
C ASN A 480 41.54 -11.63 13.72
N ARG A 481 42.60 -11.13 14.35
CA ARG A 481 42.73 -9.69 14.50
C ARG A 481 43.10 -9.13 13.15
N GLY A 482 43.64 -9.97 12.28
CA GLY A 482 44.01 -9.47 10.98
C GLY A 482 42.73 -8.90 10.42
N LEU A 483 41.67 -9.69 10.57
CA LEU A 483 40.36 -9.30 10.12
C LEU A 483 39.72 -8.22 10.99
N PHE A 484 40.01 -8.25 12.29
CA PHE A 484 39.42 -7.26 13.19
C PHE A 484 39.77 -5.84 12.72
N GLU A 485 41.06 -5.61 12.48
CA GLU A 485 41.52 -4.31 12.04
C GLU A 485 40.91 -3.91 10.70
N PHE A 486 40.63 -4.91 9.86
CA PHE A 486 40.03 -4.68 8.57
C PHE A 486 38.69 -3.98 8.83
N TYR A 487 37.92 -4.50 9.78
CA TYR A 487 36.65 -3.90 10.14
C TYR A 487 36.81 -2.46 10.63
N LYS A 488 37.72 -2.24 11.56
CA LYS A 488 37.95 -0.90 12.09
C LYS A 488 38.15 0.11 10.96
N GLU A 489 38.92 -0.30 9.96
CA GLU A 489 39.20 0.60 8.86
C GLU A 489 37.98 0.83 8.01
N LEU A 490 37.26 -0.23 7.67
CA LEU A 490 36.09 -0.06 6.85
C LEU A 490 35.08 0.75 7.65
N ILE A 491 34.91 0.40 8.91
CA ILE A 491 33.99 1.11 9.78
C ILE A 491 34.35 2.58 9.83
N ARG A 492 35.63 2.85 10.04
CA ARG A 492 36.07 4.23 10.12
C ARG A 492 35.75 5.00 8.83
N LEU A 493 36.05 4.40 7.68
CA LEU A 493 35.82 5.03 6.38
C LEU A 493 34.36 5.45 6.26
N ARG A 494 33.46 4.61 6.77
CA ARG A 494 32.06 4.92 6.71
C ARG A 494 31.78 6.22 7.49
N HIS A 495 32.44 6.37 8.63
CA HIS A 495 32.21 7.55 9.43
C HIS A 495 32.94 8.76 8.88
N ARG A 496 33.88 8.53 7.97
CA ARG A 496 34.66 9.65 7.42
C ARG A 496 34.18 10.10 6.03
N LEU A 497 33.59 9.16 5.28
CA LEU A 497 33.10 9.45 3.94
C LEU A 497 31.59 9.57 3.94
N ALA A 498 31.11 10.81 3.93
CA ALA A 498 29.68 11.09 3.97
C ALA A 498 28.83 10.35 2.94
N SER A 499 29.36 10.18 1.75
CA SER A 499 28.61 9.50 0.71
C SER A 499 28.23 8.07 1.09
N LEU A 500 29.11 7.39 1.82
CA LEU A 500 28.86 6.00 2.20
C LEU A 500 27.71 5.80 3.17
N THR A 501 27.28 6.88 3.81
CA THR A 501 26.19 6.80 4.78
C THR A 501 24.96 7.60 4.41
N ARG A 502 25.13 8.69 3.65
CA ARG A 502 23.98 9.51 3.29
C ARG A 502 23.82 9.71 1.78
N GLY A 503 24.58 8.94 1.02
CA GLY A 503 24.52 9.06 -0.42
C GLY A 503 23.67 7.99 -1.10
N ASN A 504 23.43 8.20 -2.39
CA ASN A 504 22.66 7.25 -3.20
C ASN A 504 23.63 6.28 -3.83
N VAL A 505 23.11 5.25 -4.48
CA VAL A 505 23.94 4.28 -5.17
C VAL A 505 23.51 4.14 -6.61
N ARG A 506 24.50 4.14 -7.50
CA ARG A 506 24.29 4.02 -8.93
C ARG A 506 25.34 3.00 -9.36
N SER A 507 24.94 2.02 -10.15
CA SER A 507 25.88 1.00 -10.58
C SER A 507 26.92 1.58 -11.51
N TRP A 508 28.18 1.23 -11.27
CA TRP A 508 29.29 1.72 -12.09
C TRP A 508 29.78 0.79 -13.21
N HIS A 509 29.99 -0.49 -12.90
CA HIS A 509 30.43 -1.44 -13.91
C HIS A 509 30.04 -2.87 -13.58
N ALA A 510 29.67 -3.63 -14.60
CA ALA A 510 29.26 -5.03 -14.42
C ALA A 510 29.70 -5.92 -15.59
N ASP A 511 30.66 -6.81 -15.35
CA ASP A 511 31.17 -7.71 -16.39
C ASP A 511 31.03 -9.18 -15.98
N LYS A 512 30.11 -9.89 -16.60
CA LYS A 512 29.89 -11.28 -16.25
C LYS A 512 31.07 -12.22 -16.45
N GLN A 513 31.88 -11.97 -17.48
CA GLN A 513 33.04 -12.83 -17.75
C GLN A 513 34.08 -12.64 -16.66
N ALA A 514 34.25 -11.39 -16.24
CA ALA A 514 35.20 -11.05 -15.19
C ALA A 514 34.62 -11.28 -13.80
N ASN A 515 33.28 -11.31 -13.73
CA ASN A 515 32.58 -11.51 -12.47
C ASN A 515 33.10 -10.38 -11.59
N LEU A 516 33.24 -9.21 -12.21
CA LEU A 516 33.74 -8.00 -11.56
C LEU A 516 32.66 -6.93 -11.53
N TYR A 517 32.29 -6.47 -10.34
CA TYR A 517 31.24 -5.47 -10.23
C TYR A 517 31.67 -4.27 -9.41
N ALA A 518 31.19 -3.10 -9.80
CA ALA A 518 31.54 -1.86 -9.13
C ALA A 518 30.37 -0.91 -9.09
N PHE A 519 30.35 -0.03 -8.09
CA PHE A 519 29.30 0.96 -7.95
C PHE A 519 29.90 2.25 -7.44
N VAL A 520 29.06 3.28 -7.36
CA VAL A 520 29.51 4.58 -6.91
C VAL A 520 28.51 5.16 -5.95
N ARG A 521 28.99 5.61 -4.80
CA ARG A 521 28.13 6.20 -3.77
C ARG A 521 28.34 7.70 -3.92
N THR A 522 27.25 8.45 -3.96
CA THR A 522 27.38 9.89 -4.11
C THR A 522 26.51 10.77 -3.24
N VAL A 523 27.11 11.84 -2.74
CA VAL A 523 26.44 12.82 -1.91
C VAL A 523 27.04 14.11 -2.46
N GLN A 524 26.20 14.98 -3.00
CA GLN A 524 26.68 16.22 -3.59
C GLN A 524 27.74 15.89 -4.65
N ASP A 525 28.90 16.52 -4.55
CA ASP A 525 29.99 16.28 -5.51
C ASP A 525 30.99 15.21 -5.09
N GLN A 526 30.80 14.64 -3.91
CA GLN A 526 31.69 13.59 -3.43
C GLN A 526 31.28 12.31 -4.12
N HIS A 527 32.26 11.63 -4.68
CA HIS A 527 32.02 10.40 -5.39
C HIS A 527 32.95 9.36 -4.79
N VAL A 528 32.43 8.19 -4.43
CA VAL A 528 33.30 7.14 -3.95
C VAL A 528 32.96 5.92 -4.78
N GLY A 529 33.92 5.42 -5.55
CA GLY A 529 33.63 4.26 -6.37
C GLY A 529 34.22 3.02 -5.76
N VAL A 530 33.46 1.94 -5.71
CA VAL A 530 33.97 0.72 -5.13
C VAL A 530 34.08 -0.32 -6.24
N VAL A 531 35.25 -0.91 -6.36
CA VAL A 531 35.48 -1.92 -7.39
C VAL A 531 35.65 -3.26 -6.72
N LEU A 532 34.86 -4.24 -7.16
CA LEU A 532 34.91 -5.58 -6.58
C LEU A 532 35.27 -6.68 -7.59
N ASN A 533 36.49 -7.21 -7.51
CA ASN A 533 36.92 -8.28 -8.42
C ASN A 533 36.77 -9.67 -7.79
N ASN A 534 35.60 -10.27 -8.00
CA ASN A 534 35.26 -11.58 -7.43
C ASN A 534 35.79 -12.72 -8.27
N ARG A 535 37.10 -12.93 -8.30
CA ARG A 535 37.66 -14.00 -9.11
C ARG A 535 38.94 -14.47 -8.44
N GLY A 536 39.24 -15.77 -8.52
CA GLY A 536 40.44 -16.25 -7.87
C GLY A 536 41.71 -15.99 -8.66
N GLU A 537 41.62 -15.10 -9.64
CA GLU A 537 42.76 -14.69 -10.46
C GLU A 537 42.62 -13.19 -10.66
N LYS A 538 43.73 -12.48 -10.73
CA LYS A 538 43.70 -11.04 -10.88
C LYS A 538 43.59 -10.62 -12.32
N GLN A 539 42.63 -9.75 -12.62
CA GLN A 539 42.53 -9.24 -13.98
C GLN A 539 42.44 -7.73 -13.87
N THR A 540 42.76 -7.05 -14.96
CA THR A 540 42.73 -5.60 -14.98
C THR A 540 41.47 -5.24 -15.73
N VAL A 541 40.94 -4.06 -15.44
CA VAL A 541 39.72 -3.65 -16.09
C VAL A 541 39.78 -2.16 -16.39
N LEU A 542 39.01 -1.75 -17.40
CA LEU A 542 38.93 -0.36 -17.78
C LEU A 542 37.48 0.04 -17.55
N LEU A 543 37.29 1.00 -16.64
CA LEU A 543 35.95 1.47 -16.32
C LEU A 543 35.70 2.78 -17.03
N GLN A 544 34.47 3.00 -17.48
CA GLN A 544 34.17 4.25 -18.14
C GLN A 544 34.15 5.28 -17.02
N VAL A 545 34.88 6.37 -17.19
CA VAL A 545 34.95 7.40 -16.15
C VAL A 545 34.94 8.81 -16.70
N PRO A 546 33.79 9.29 -17.17
CA PRO A 546 33.68 10.64 -17.73
C PRO A 546 34.35 11.72 -16.89
N GLU A 547 35.25 12.45 -17.54
CA GLU A 547 36.06 13.53 -16.93
C GLU A 547 35.26 14.72 -16.42
N SER A 548 34.40 14.50 -15.43
CA SER A 548 33.60 15.57 -14.85
C SER A 548 33.40 15.27 -13.38
N GLY A 549 33.44 14.00 -13.03
CA GLY A 549 33.29 13.61 -11.64
C GLY A 549 34.72 13.47 -11.13
N GLY A 550 35.67 13.71 -12.04
CA GLY A 550 37.06 13.63 -11.68
C GLY A 550 37.87 12.69 -12.53
N LYS A 551 39.18 12.93 -12.57
CA LYS A 551 40.13 12.12 -13.32
C LYS A 551 41.20 11.60 -12.34
N THR A 552 41.04 11.95 -11.07
CA THR A 552 41.94 11.51 -10.00
C THR A 552 41.14 10.96 -8.82
N TRP A 553 41.53 9.80 -8.32
CA TRP A 553 40.83 9.16 -7.21
C TRP A 553 41.83 8.54 -6.25
N LEU A 554 41.46 8.37 -5.00
CA LEU A 554 42.39 7.78 -4.04
C LEU A 554 41.84 6.48 -3.44
N ASP A 555 42.65 5.42 -3.43
CA ASP A 555 42.19 4.15 -2.86
C ASP A 555 42.31 4.28 -1.35
N CYS A 556 41.19 4.59 -0.70
CA CYS A 556 41.16 4.81 0.74
C CYS A 556 41.64 3.62 1.53
N LEU A 557 41.83 2.50 0.86
CA LEU A 557 42.34 1.34 1.55
C LEU A 557 43.87 1.31 1.49
N THR A 558 44.44 1.70 0.34
CA THR A 558 45.90 1.72 0.19
C THR A 558 46.52 3.08 -0.07
N GLY A 559 46.27 3.62 -1.26
CA GLY A 559 46.83 4.90 -1.67
C GLY A 559 46.52 5.25 -3.13
N GLU A 560 46.68 6.53 -3.45
CA GLU A 560 46.37 7.07 -4.78
C GLU A 560 46.76 6.27 -5.98
N GLU A 561 46.03 6.52 -7.06
CA GLU A 561 46.22 5.88 -8.36
C GLU A 561 45.10 6.33 -9.28
N VAL A 562 45.30 7.55 -9.75
CA VAL A 562 44.45 8.29 -10.66
C VAL A 562 44.84 8.10 -12.12
N HIS A 563 44.43 7.00 -12.72
CA HIS A 563 44.84 6.75 -14.09
C HIS A 563 43.82 7.12 -15.17
N GLY A 564 42.98 8.12 -14.88
CA GLY A 564 41.98 8.50 -15.87
C GLY A 564 42.51 9.19 -17.12
N LYS A 565 42.61 8.44 -18.21
CA LYS A 565 43.11 8.98 -19.46
C LYS A 565 42.15 8.81 -20.63
N GLN A 566 41.84 9.93 -21.27
CA GLN A 566 40.92 9.99 -22.41
C GLN A 566 39.56 9.42 -22.05
N GLY A 567 39.05 9.78 -20.88
CA GLY A 567 37.72 9.32 -20.47
C GLY A 567 37.56 7.99 -19.75
N GLN A 568 38.64 7.25 -19.51
CA GLN A 568 38.50 5.98 -18.80
C GLN A 568 39.60 5.67 -17.77
N LEU A 569 39.33 4.69 -16.91
CA LEU A 569 40.23 4.34 -15.82
C LEU A 569 40.59 2.85 -15.86
N LYS A 570 41.87 2.63 -16.17
CA LYS A 570 42.47 1.31 -16.30
C LYS A 570 42.88 0.90 -14.91
N LEU A 571 42.30 -0.19 -14.43
CA LEU A 571 42.59 -0.65 -13.10
C LEU A 571 42.99 -2.12 -13.08
N THR A 572 44.08 -2.44 -12.39
CA THR A 572 44.52 -3.82 -12.28
C THR A 572 44.18 -4.22 -10.85
N LEU A 573 43.43 -5.30 -10.68
CA LEU A 573 43.05 -5.73 -9.33
C LEU A 573 43.62 -7.06 -8.89
N ARG A 574 44.02 -7.15 -7.63
CA ARG A 574 44.55 -8.39 -7.09
C ARG A 574 43.33 -9.26 -6.91
N PRO A 575 43.54 -10.57 -6.72
CA PRO A 575 42.46 -11.54 -6.52
C PRO A 575 41.56 -11.24 -5.31
N TYR A 576 40.26 -11.21 -5.55
CA TYR A 576 39.28 -10.96 -4.50
C TYR A 576 39.59 -9.67 -3.78
N GLN A 577 40.25 -8.78 -4.49
CA GLN A 577 40.59 -7.49 -3.95
C GLN A 577 39.46 -6.53 -4.26
N GLY A 578 39.28 -5.54 -3.40
CA GLY A 578 38.25 -4.55 -3.64
C GLY A 578 38.93 -3.20 -3.54
N MET A 579 38.50 -2.25 -4.35
CA MET A 579 39.11 -0.93 -4.30
C MET A 579 38.04 0.10 -3.98
N ILE A 580 38.38 1.05 -3.11
CA ILE A 580 37.43 2.11 -2.74
C ILE A 580 37.99 3.45 -3.18
N LEU A 581 37.50 3.95 -4.30
CA LEU A 581 37.99 5.20 -4.86
C LEU A 581 37.26 6.47 -4.44
N TRP A 582 37.97 7.33 -3.72
CA TRP A 582 37.44 8.60 -3.26
C TRP A 582 37.86 9.69 -4.27
N ASN A 583 36.87 10.36 -4.86
CA ASN A 583 37.13 11.39 -5.86
C ASN A 583 37.74 12.66 -5.31
N GLY A 584 38.02 12.64 -4.00
CA GLY A 584 38.61 13.79 -3.33
C GLY A 584 37.74 15.01 -3.03
N ARG A 585 36.43 14.85 -3.00
CA ARG A 585 35.55 15.98 -2.70
C ARG A 585 34.49 15.70 -1.62
N MET B 1 7.38 -16.35 -24.33
CA MET B 1 6.59 -15.39 -23.51
C MET B 1 7.47 -14.27 -22.96
N LEU B 2 6.95 -13.04 -22.96
CA LEU B 2 7.68 -11.87 -22.47
C LEU B 2 7.56 -11.76 -20.97
N LEU B 3 8.67 -12.07 -20.31
CA LEU B 3 8.77 -12.04 -18.86
C LEU B 3 8.81 -10.60 -18.31
N GLU B 4 9.20 -9.65 -19.13
CA GLU B 4 9.25 -8.27 -18.70
C GLU B 4 7.83 -7.78 -18.51
N ALA B 5 6.85 -8.63 -18.77
CA ALA B 5 5.46 -8.22 -18.63
C ALA B 5 4.68 -8.90 -17.49
N ILE B 6 5.24 -9.97 -16.93
CA ILE B 6 4.57 -10.70 -15.87
C ILE B 6 4.72 -9.93 -14.58
N PHE B 7 3.59 -9.74 -13.88
CA PHE B 7 3.61 -9.00 -12.64
C PHE B 7 2.72 -9.53 -11.52
N HIS B 8 3.22 -9.41 -10.29
CA HIS B 8 2.50 -9.80 -9.10
C HIS B 8 3.26 -9.39 -7.85
N GLU B 9 2.53 -9.08 -6.80
CA GLU B 9 3.16 -8.70 -5.54
C GLU B 9 2.31 -9.25 -4.42
N ALA B 10 2.96 -9.61 -3.32
CA ALA B 10 2.26 -10.17 -2.17
C ALA B 10 1.56 -9.11 -1.34
N LYS B 11 0.73 -8.30 -2.00
CA LYS B 11 0.00 -7.23 -1.33
C LYS B 11 -0.99 -6.51 -2.26
N GLY B 12 -1.51 -5.39 -1.77
CA GLY B 12 -2.43 -4.59 -2.55
C GLY B 12 -3.60 -5.36 -3.13
N SER B 13 -3.75 -5.25 -4.43
CA SER B 13 -4.83 -5.90 -5.18
C SER B 13 -4.33 -7.15 -5.87
N TYR B 14 -3.09 -7.53 -5.64
CA TYR B 14 -2.55 -8.71 -6.27
C TYR B 14 -2.43 -9.82 -5.25
N ALA B 15 -2.82 -9.50 -4.02
CA ALA B 15 -2.83 -10.45 -2.90
C ALA B 15 -3.58 -9.84 -1.72
N TYR B 16 -4.71 -10.42 -1.35
CA TYR B 16 -5.47 -9.90 -0.21
C TYR B 16 -6.37 -10.99 0.34
N PRO B 17 -6.65 -10.93 1.65
CA PRO B 17 -7.51 -11.95 2.24
C PRO B 17 -8.97 -11.61 1.97
N ILE B 18 -9.79 -12.63 1.74
CA ILE B 18 -11.21 -12.40 1.53
C ILE B 18 -11.92 -13.10 2.69
N SER B 19 -11.11 -13.83 3.45
CA SER B 19 -11.52 -14.57 4.64
C SER B 19 -10.27 -14.78 5.50
N GLU B 20 -10.47 -15.29 6.72
CA GLU B 20 -9.33 -15.53 7.59
C GLU B 20 -8.46 -16.69 7.10
N THR B 21 -9.02 -17.55 6.25
CA THR B 21 -8.25 -18.68 5.73
C THR B 21 -8.16 -18.73 4.21
N GLN B 22 -8.53 -17.65 3.56
CA GLN B 22 -8.50 -17.61 2.10
C GLN B 22 -7.86 -16.35 1.53
N LEU B 23 -6.97 -16.53 0.57
CA LEU B 23 -6.28 -15.42 -0.05
C LEU B 23 -6.49 -15.36 -1.55
N ARG B 24 -6.92 -14.21 -2.05
CA ARG B 24 -7.12 -14.02 -3.48
C ARG B 24 -5.76 -13.68 -4.06
N VAL B 25 -5.50 -14.17 -5.26
CA VAL B 25 -4.23 -13.91 -5.91
C VAL B 25 -4.40 -13.61 -7.40
N ARG B 26 -3.80 -12.51 -7.86
CA ARG B 26 -3.87 -12.12 -9.27
C ARG B 26 -2.47 -12.01 -9.85
N LEU B 27 -2.35 -12.17 -11.16
CA LEU B 27 -1.05 -12.09 -11.82
C LEU B 27 -1.22 -11.58 -13.26
N ARG B 28 -0.32 -10.69 -13.69
CA ARG B 28 -0.36 -10.12 -15.04
C ARG B 28 0.65 -10.69 -16.02
N ALA B 29 0.27 -10.75 -17.29
CA ALA B 29 1.12 -11.26 -18.34
C ALA B 29 0.67 -10.66 -19.66
N LYS B 30 1.54 -10.71 -20.66
CA LYS B 30 1.16 -10.23 -21.99
C LYS B 30 -0.04 -11.08 -22.43
N LYS B 31 -1.02 -10.43 -23.03
CA LYS B 31 -2.19 -11.14 -23.51
C LYS B 31 -1.74 -12.31 -24.40
N GLY B 32 -2.23 -13.51 -24.11
CA GLY B 32 -1.89 -14.63 -24.96
C GLY B 32 -0.53 -15.25 -24.73
N ASP B 33 0.24 -14.63 -23.83
CA ASP B 33 1.60 -15.06 -23.46
C ASP B 33 1.61 -16.29 -22.55
N VAL B 34 0.62 -16.38 -21.65
CA VAL B 34 0.52 -17.53 -20.77
C VAL B 34 -0.90 -18.10 -20.96
N VAL B 35 -0.97 -19.41 -21.15
CA VAL B 35 -2.24 -20.07 -21.37
C VAL B 35 -2.66 -20.91 -20.18
N ARG B 36 -1.77 -21.02 -19.21
CA ARG B 36 -2.07 -21.84 -18.05
C ARG B 36 -1.18 -21.30 -16.93
N CYS B 37 -1.81 -20.80 -15.87
CA CYS B 37 -1.06 -20.26 -14.75
C CYS B 37 -1.55 -20.93 -13.50
N GLU B 38 -0.68 -21.68 -12.84
CA GLU B 38 -1.07 -22.41 -11.66
C GLU B 38 -0.31 -21.89 -10.45
N VAL B 39 -0.96 -21.94 -9.30
CA VAL B 39 -0.32 -21.43 -8.10
C VAL B 39 -0.04 -22.56 -7.15
N LEU B 40 1.23 -22.70 -6.78
CA LEU B 40 1.64 -23.76 -5.87
C LEU B 40 2.11 -23.08 -4.58
N TYR B 41 1.48 -23.46 -3.47
CA TYR B 41 1.75 -22.87 -2.15
C TYR B 41 1.72 -23.87 -1.01
N ALA B 42 2.10 -23.39 0.17
CA ALA B 42 2.10 -24.21 1.37
C ALA B 42 2.20 -23.28 2.55
N ASP B 43 1.95 -23.78 3.76
CA ASP B 43 2.03 -22.92 4.93
C ASP B 43 3.44 -22.34 4.99
N ARG B 44 3.58 -21.14 5.53
CA ARG B 44 4.87 -20.49 5.57
C ARG B 44 5.98 -21.25 6.29
N TYR B 45 5.63 -22.08 7.26
CA TYR B 45 6.66 -22.84 7.96
C TYR B 45 6.68 -24.27 7.45
N ALA B 46 6.20 -24.44 6.23
CA ALA B 46 6.13 -25.75 5.61
C ALA B 46 7.50 -26.38 5.41
N SER B 47 7.55 -27.66 5.73
CA SER B 47 8.75 -28.47 5.59
C SER B 47 9.03 -28.78 4.11
N PRO B 48 10.31 -29.01 3.77
CA PRO B 48 10.73 -29.33 2.40
C PRO B 48 10.12 -30.63 1.87
N GLU B 49 10.16 -31.67 2.71
CA GLU B 49 9.60 -32.98 2.35
C GLU B 49 8.05 -32.89 2.39
N GLU B 50 7.51 -31.73 2.05
CA GLU B 50 6.08 -31.50 2.10
C GLU B 50 5.48 -31.23 0.72
N GLU B 51 4.39 -31.93 0.41
CA GLU B 51 3.68 -31.80 -0.85
C GLU B 51 3.03 -30.42 -0.83
N LEU B 52 3.10 -29.69 -1.93
CA LEU B 52 2.52 -28.36 -2.00
C LEU B 52 1.03 -28.47 -2.32
N ALA B 53 0.30 -27.39 -2.10
CA ALA B 53 -1.11 -27.38 -2.41
C ALA B 53 -1.15 -26.82 -3.83
N HIS B 54 -2.21 -27.15 -4.57
CA HIS B 54 -2.36 -26.68 -5.94
C HIS B 54 -3.48 -25.67 -6.06
N ALA B 55 -3.29 -24.72 -6.96
CA ALA B 55 -4.32 -23.71 -7.19
C ALA B 55 -4.27 -23.23 -8.62
N LEU B 56 -5.34 -23.49 -9.34
CA LEU B 56 -5.43 -23.10 -10.73
C LEU B 56 -6.10 -21.74 -10.81
N ALA B 57 -5.45 -20.80 -11.47
CA ALA B 57 -5.99 -19.47 -11.61
C ALA B 57 -6.63 -19.30 -12.98
N GLY B 58 -7.94 -19.17 -13.03
CA GLY B 58 -8.60 -18.99 -14.32
C GLY B 58 -8.34 -17.59 -14.85
N LYS B 59 -8.46 -17.39 -16.16
CA LYS B 59 -8.25 -16.05 -16.71
C LYS B 59 -9.41 -15.20 -16.25
N ALA B 60 -9.12 -14.20 -15.42
CA ALA B 60 -10.17 -13.32 -14.89
C ALA B 60 -10.58 -12.30 -15.93
N GLY B 61 -9.71 -12.07 -16.90
CA GLY B 61 -10.02 -11.11 -17.93
C GLY B 61 -8.77 -10.53 -18.56
N SER B 62 -8.96 -9.54 -19.43
CA SER B 62 -7.84 -8.94 -20.13
C SER B 62 -8.24 -7.61 -20.75
N ASP B 63 -7.24 -6.77 -20.98
CA ASP B 63 -7.45 -5.45 -21.54
C ASP B 63 -6.59 -5.28 -22.77
N GLU B 64 -6.38 -4.03 -23.18
CA GLU B 64 -5.57 -3.71 -24.36
C GLU B 64 -4.25 -4.49 -24.51
N ARG B 65 -3.52 -4.69 -23.41
CA ARG B 65 -2.26 -5.40 -23.50
C ARG B 65 -1.95 -6.52 -22.50
N PHE B 66 -2.76 -6.68 -21.47
CA PHE B 66 -2.46 -7.72 -20.48
C PHE B 66 -3.54 -8.77 -20.31
N ASP B 67 -3.12 -9.97 -19.91
CA ASP B 67 -4.04 -11.06 -19.64
C ASP B 67 -3.99 -11.07 -18.11
N TYR B 68 -5.07 -11.43 -17.42
CA TYR B 68 -5.08 -11.43 -15.95
C TYR B 68 -5.60 -12.75 -15.44
N PHE B 69 -4.87 -13.36 -14.50
CA PHE B 69 -5.32 -14.63 -13.95
C PHE B 69 -5.55 -14.44 -12.46
N GLU B 70 -6.57 -15.11 -11.93
CA GLU B 70 -6.94 -14.99 -10.51
C GLU B 70 -7.10 -16.37 -9.88
N ALA B 71 -6.51 -16.57 -8.71
CA ALA B 71 -6.60 -17.83 -7.99
C ALA B 71 -6.87 -17.61 -6.48
N LEU B 72 -7.38 -18.64 -5.82
CA LEU B 72 -7.69 -18.57 -4.40
C LEU B 72 -6.99 -19.71 -3.64
N LEU B 73 -6.08 -19.37 -2.73
CA LEU B 73 -5.38 -20.40 -1.96
C LEU B 73 -6.04 -20.67 -0.61
N GLU B 74 -6.37 -21.91 -0.32
CA GLU B 74 -6.95 -22.23 0.98
C GLU B 74 -5.74 -22.47 1.87
N CYS B 75 -5.51 -21.59 2.83
CA CYS B 75 -4.38 -21.73 3.76
C CYS B 75 -4.88 -21.65 5.19
N SER B 76 -5.30 -22.79 5.72
CA SER B 76 -5.84 -22.90 7.08
C SER B 76 -4.91 -22.37 8.18
N THR B 77 -3.62 -22.32 7.92
CA THR B 77 -2.66 -21.84 8.90
C THR B 77 -2.57 -20.31 9.02
N LYS B 78 -3.37 -19.62 8.18
CA LYS B 78 -3.46 -18.16 8.13
C LYS B 78 -2.14 -17.54 7.69
N ARG B 79 -1.22 -18.42 7.29
CA ARG B 79 0.11 -18.03 6.82
C ARG B 79 0.31 -18.83 5.54
N VAL B 80 0.80 -18.18 4.48
CA VAL B 80 0.99 -18.91 3.24
C VAL B 80 2.08 -18.38 2.32
N LYS B 81 2.83 -19.32 1.75
CA LYS B 81 3.91 -19.00 0.81
C LYS B 81 3.58 -19.68 -0.51
N TYR B 82 3.87 -19.00 -1.63
CA TYR B 82 3.57 -19.56 -2.95
C TYR B 82 4.53 -19.13 -4.06
N VAL B 83 4.55 -19.91 -5.14
CA VAL B 83 5.37 -19.64 -6.33
C VAL B 83 4.49 -19.96 -7.52
N PHE B 84 4.62 -19.18 -8.60
CA PHE B 84 3.82 -19.36 -9.82
C PHE B 84 4.43 -20.23 -10.92
N LEU B 85 3.59 -21.00 -11.60
CA LEU B 85 4.02 -21.83 -12.70
C LEU B 85 3.13 -21.49 -13.90
N LEU B 86 3.67 -20.72 -14.85
CA LEU B 86 2.88 -20.32 -16.01
C LEU B 86 3.40 -20.88 -17.33
N THR B 87 2.51 -21.49 -18.10
CA THR B 87 2.84 -22.09 -19.39
C THR B 87 2.37 -21.31 -20.62
N GLY B 88 3.32 -21.12 -21.54
CA GLY B 88 3.09 -20.38 -22.78
C GLY B 88 2.43 -21.21 -23.85
N PRO B 89 2.19 -20.64 -25.03
CA PRO B 89 1.53 -21.35 -26.13
C PRO B 89 2.26 -22.61 -26.59
N GLN B 90 3.58 -22.53 -26.66
CA GLN B 90 4.40 -23.65 -27.14
C GLN B 90 4.70 -24.59 -25.99
N GLY B 91 3.92 -24.45 -24.92
CA GLY B 91 4.09 -25.29 -23.76
C GLY B 91 5.22 -24.95 -22.81
N GLU B 92 5.93 -23.86 -23.03
CA GLU B 92 7.01 -23.52 -22.11
C GLU B 92 6.47 -23.23 -20.71
N ALA B 93 7.10 -23.82 -19.71
CA ALA B 93 6.70 -23.64 -18.32
C ALA B 93 7.77 -22.92 -17.50
N VAL B 94 7.39 -21.81 -16.89
CA VAL B 94 8.30 -21.03 -16.09
C VAL B 94 7.75 -20.83 -14.69
N TYR B 95 8.61 -20.95 -13.69
CA TYR B 95 8.22 -20.71 -12.31
C TYR B 95 8.48 -19.22 -12.01
N PHE B 96 7.62 -18.62 -11.20
CA PHE B 96 7.71 -17.21 -10.86
C PHE B 96 7.63 -17.06 -9.35
N GLY B 97 8.64 -16.45 -8.73
CA GLY B 97 8.59 -16.26 -7.30
C GLY B 97 9.01 -14.87 -6.91
N GLU B 98 9.09 -14.60 -5.61
CA GLU B 98 9.50 -13.29 -5.15
C GLU B 98 10.90 -13.03 -5.69
N THR B 99 11.73 -14.07 -5.65
CA THR B 99 13.10 -13.99 -6.13
C THR B 99 13.21 -13.79 -7.66
N GLY B 100 12.33 -14.44 -8.41
CA GLY B 100 12.36 -14.26 -9.86
C GLY B 100 11.78 -15.37 -10.72
N PHE B 101 12.23 -15.42 -11.99
CA PHE B 101 11.76 -16.42 -12.93
C PHE B 101 12.84 -17.45 -13.14
N SER B 102 12.43 -18.70 -13.24
CA SER B 102 13.35 -19.79 -13.44
C SER B 102 12.62 -21.06 -13.88
N ALA B 103 13.36 -22.01 -14.41
CA ALA B 103 12.74 -23.26 -14.84
C ALA B 103 12.67 -24.16 -13.64
N GLU B 104 13.51 -23.86 -12.65
CA GLU B 104 13.55 -24.65 -11.43
C GLU B 104 12.71 -23.93 -10.39
N ARG B 105 11.72 -24.64 -9.84
CA ARG B 105 10.80 -24.11 -8.85
C ARG B 105 11.54 -23.49 -7.68
N SER B 106 12.60 -24.16 -7.27
CA SER B 106 13.40 -23.69 -6.16
C SER B 106 14.05 -22.33 -6.37
N LYS B 107 14.63 -22.11 -7.55
CA LYS B 107 15.32 -20.87 -7.85
C LYS B 107 14.41 -19.66 -8.10
N ALA B 108 13.12 -19.92 -8.28
CA ALA B 108 12.16 -18.87 -8.55
C ALA B 108 11.84 -18.11 -7.29
N GLY B 109 12.30 -18.64 -6.17
CA GLY B 109 12.02 -18.01 -4.90
C GLY B 109 10.58 -18.29 -4.58
N VAL B 110 10.03 -17.59 -3.59
CA VAL B 110 8.66 -17.81 -3.18
C VAL B 110 7.96 -16.56 -2.64
N PHE B 111 6.80 -16.25 -3.20
CA PHE B 111 6.04 -15.08 -2.76
C PHE B 111 5.38 -15.48 -1.47
N GLN B 112 5.22 -14.54 -0.54
CA GLN B 112 4.57 -14.85 0.73
C GLN B 112 3.75 -13.74 1.37
N TYR B 113 2.57 -14.12 1.86
CA TYR B 113 1.67 -13.22 2.57
C TYR B 113 1.87 -13.77 3.98
N ALA B 114 2.68 -13.05 4.74
CA ALA B 114 3.07 -13.44 6.10
C ALA B 114 2.00 -14.00 7.03
N TYR B 115 0.93 -13.26 7.26
CA TYR B 115 -0.12 -13.74 8.14
C TYR B 115 -1.45 -13.09 7.77
N ILE B 116 -2.53 -13.84 7.93
CA ILE B 116 -3.84 -13.32 7.62
C ILE B 116 -4.49 -12.90 8.91
N HIS B 117 -4.67 -11.60 9.10
CA HIS B 117 -5.31 -11.13 10.33
C HIS B 117 -6.79 -10.89 10.16
N ARG B 118 -7.58 -11.33 11.15
CA ARG B 118 -9.03 -11.16 11.12
C ARG B 118 -9.38 -9.68 10.89
N SER B 119 -8.80 -8.79 11.67
CA SER B 119 -9.08 -7.38 11.57
C SER B 119 -8.68 -6.75 10.25
N GLU B 120 -7.88 -7.49 9.47
CA GLU B 120 -7.41 -7.01 8.16
C GLU B 120 -8.05 -7.61 6.90
N VAL B 121 -9.13 -8.35 7.07
CA VAL B 121 -9.82 -8.90 5.93
C VAL B 121 -10.82 -7.81 5.53
N PHE B 122 -10.59 -7.16 4.38
CA PHE B 122 -11.45 -6.06 3.95
C PHE B 122 -12.93 -6.38 4.13
N THR B 123 -13.62 -5.60 4.96
CA THR B 123 -15.03 -5.88 5.18
C THR B 123 -15.95 -4.69 4.95
N THR B 124 -16.95 -4.92 4.12
CA THR B 124 -17.92 -3.92 3.72
C THR B 124 -19.29 -4.27 4.24
N PRO B 125 -20.12 -3.26 4.49
CA PRO B 125 -21.50 -3.44 4.99
C PRO B 125 -22.31 -4.27 3.99
N GLU B 126 -22.98 -5.31 4.46
CA GLU B 126 -23.76 -6.17 3.57
C GLU B 126 -24.77 -5.47 2.66
N TRP B 127 -25.50 -4.50 3.19
CA TRP B 127 -26.50 -3.82 2.37
C TRP B 127 -25.91 -3.04 1.22
N ALA B 128 -24.79 -2.39 1.47
CA ALA B 128 -24.18 -1.60 0.42
C ALA B 128 -23.82 -2.51 -0.76
N LYS B 129 -23.78 -3.82 -0.53
CA LYS B 129 -23.44 -4.75 -1.60
C LYS B 129 -24.53 -4.83 -2.66
N GLU B 130 -25.78 -4.72 -2.22
CA GLU B 130 -26.92 -4.84 -3.13
C GLU B 130 -27.85 -3.63 -3.17
N ALA B 131 -27.30 -2.46 -2.85
CA ALA B 131 -28.07 -1.22 -2.84
C ALA B 131 -28.03 -0.43 -4.14
N VAL B 132 -28.83 0.62 -4.17
CA VAL B 132 -28.91 1.57 -5.29
C VAL B 132 -28.98 2.94 -4.63
N ILE B 133 -27.98 3.78 -4.85
CA ILE B 133 -27.96 5.10 -4.24
C ILE B 133 -28.59 6.17 -5.14
N TYR B 134 -29.39 7.05 -4.52
CA TYR B 134 -30.03 8.15 -5.24
C TYR B 134 -29.40 9.42 -4.70
N GLN B 135 -28.66 10.14 -5.53
CA GLN B 135 -28.02 11.35 -5.05
C GLN B 135 -28.97 12.52 -5.02
N ILE B 136 -29.06 13.13 -3.84
CA ILE B 136 -29.93 14.27 -3.67
C ILE B 136 -29.16 15.55 -3.37
N PHE B 137 -29.39 16.58 -4.19
CA PHE B 137 -28.78 17.89 -3.96
C PHE B 137 -29.98 18.60 -3.35
N PRO B 138 -30.17 18.52 -2.03
CA PRO B 138 -31.32 19.13 -1.35
C PRO B 138 -31.80 20.49 -1.83
N GLU B 139 -30.89 21.41 -2.09
CA GLU B 139 -31.34 22.72 -2.54
C GLU B 139 -32.14 22.60 -3.84
N ARG B 140 -31.92 21.54 -4.61
CA ARG B 140 -32.58 21.38 -5.91
C ARG B 140 -33.54 20.21 -6.03
N PHE B 141 -33.78 19.51 -4.94
CA PHE B 141 -34.69 18.38 -5.02
C PHE B 141 -36.13 18.75 -4.72
N ALA B 142 -36.37 19.31 -3.55
CA ALA B 142 -37.74 19.66 -3.19
C ALA B 142 -37.94 20.71 -2.12
N ASN B 143 -38.77 21.69 -2.46
CA ASN B 143 -39.11 22.81 -1.58
C ASN B 143 -40.35 22.36 -0.81
N GLY B 144 -40.16 21.65 0.28
CA GLY B 144 -41.31 21.15 1.01
C GLY B 144 -41.92 22.23 1.87
N ASP B 145 -41.11 23.24 2.19
CA ASP B 145 -41.60 24.35 3.00
C ASP B 145 -41.11 25.67 2.44
N PRO B 146 -42.05 26.51 1.97
CA PRO B 146 -41.77 27.83 1.41
C PRO B 146 -41.33 28.78 2.53
N SER B 147 -41.59 28.36 3.77
CA SER B 147 -41.24 29.13 4.96
C SER B 147 -39.72 29.15 5.23
N ASN B 148 -38.98 28.33 4.48
CA ASN B 148 -37.52 28.24 4.62
C ASN B 148 -36.79 28.93 3.49
N ASP B 149 -37.51 29.15 2.40
CA ASP B 149 -36.96 29.78 1.21
C ASP B 149 -36.11 31.02 1.46
N PRO B 150 -34.85 30.98 1.06
CA PRO B 150 -33.90 32.08 1.23
C PRO B 150 -34.23 33.25 0.29
N PRO B 151 -33.68 34.43 0.58
CA PRO B 151 -33.90 35.63 -0.23
C PRO B 151 -33.30 35.55 -1.63
N GLY B 152 -34.15 35.73 -2.64
CA GLY B 152 -33.69 35.65 -4.02
C GLY B 152 -34.19 34.40 -4.70
N THR B 153 -35.19 33.74 -4.09
CA THR B 153 -35.75 32.50 -4.64
C THR B 153 -36.38 32.65 -6.02
N GLU B 154 -35.91 31.80 -6.92
CA GLU B 154 -36.38 31.77 -8.30
C GLU B 154 -37.52 30.78 -8.54
N GLN B 155 -38.00 30.74 -9.78
CA GLN B 155 -39.11 29.88 -10.12
C GLN B 155 -38.66 28.42 -10.34
N TRP B 156 -39.43 27.50 -9.77
CA TRP B 156 -39.17 26.07 -9.86
C TRP B 156 -39.86 25.57 -11.12
N ALA B 157 -39.13 25.60 -12.24
CA ALA B 157 -39.65 25.17 -13.53
C ALA B 157 -38.62 24.38 -14.35
N LYS B 158 -39.07 23.77 -15.44
CA LYS B 158 -38.17 23.01 -16.28
C LYS B 158 -37.18 23.91 -17.02
N ASP B 159 -37.60 25.13 -17.32
CA ASP B 159 -36.78 26.06 -18.07
C ASP B 159 -35.90 27.09 -17.34
N ALA B 160 -35.70 26.91 -16.04
CA ALA B 160 -34.87 27.85 -15.29
C ALA B 160 -33.41 27.44 -15.51
N ARG B 161 -32.54 28.41 -15.73
CA ARG B 161 -31.12 28.11 -15.95
C ARG B 161 -30.32 28.74 -14.84
N PRO B 162 -30.06 27.97 -13.79
CA PRO B 162 -29.31 28.39 -12.62
C PRO B 162 -28.06 29.23 -12.87
N ARG B 163 -27.91 30.20 -11.98
CA ARG B 163 -26.77 31.11 -11.96
C ARG B 163 -26.03 30.49 -10.79
N HIS B 164 -24.73 30.71 -10.70
CA HIS B 164 -23.99 30.12 -9.58
C HIS B 164 -24.52 30.47 -8.19
N ASP B 165 -25.17 31.63 -8.06
CA ASP B 165 -25.66 32.07 -6.76
C ASP B 165 -27.16 31.92 -6.54
N SER B 166 -27.79 31.08 -7.35
CA SER B 166 -29.23 30.87 -7.24
C SER B 166 -29.68 30.08 -6.02
N PHE B 167 -30.99 30.10 -5.80
CA PHE B 167 -31.66 29.39 -4.71
C PHE B 167 -33.06 29.08 -5.20
N TYR B 168 -33.52 27.85 -4.94
CA TYR B 168 -34.84 27.44 -5.36
C TYR B 168 -35.62 26.93 -4.14
N GLY B 169 -34.97 27.07 -2.99
CA GLY B 169 -35.56 26.70 -1.71
C GLY B 169 -35.75 25.24 -1.32
N GLY B 170 -35.10 24.34 -2.04
CA GLY B 170 -35.22 22.94 -1.72
C GLY B 170 -34.89 22.79 -0.27
N ASP B 171 -35.60 21.90 0.42
CA ASP B 171 -35.36 21.67 1.84
C ASP B 171 -35.61 20.23 2.23
N LEU B 172 -35.23 19.86 3.45
CA LEU B 172 -35.42 18.52 3.97
C LEU B 172 -36.90 18.13 4.10
N LYS B 173 -37.75 19.12 4.38
CA LYS B 173 -39.19 18.88 4.45
C LYS B 173 -39.60 18.42 3.08
N GLY B 174 -38.95 18.98 2.06
CA GLY B 174 -39.24 18.61 0.69
C GLY B 174 -38.95 17.14 0.41
N VAL B 175 -37.78 16.68 0.85
CA VAL B 175 -37.36 15.28 0.67
C VAL B 175 -38.34 14.31 1.35
N ILE B 176 -38.66 14.56 2.62
CA ILE B 176 -39.59 13.69 3.31
C ILE B 176 -40.83 13.57 2.46
N ASP B 177 -41.32 14.71 1.95
CA ASP B 177 -42.55 14.72 1.17
C ASP B 177 -42.56 13.84 -0.08
N ARG B 178 -41.41 13.64 -0.69
CA ARG B 178 -41.34 12.85 -1.92
C ARG B 178 -40.87 11.41 -1.82
N LEU B 179 -40.65 10.92 -0.60
CA LEU B 179 -40.19 9.55 -0.43
C LEU B 179 -41.03 8.50 -1.17
N PRO B 180 -42.37 8.70 -1.23
CA PRO B 180 -43.19 7.71 -1.93
C PRO B 180 -42.61 7.56 -3.30
N TYR B 181 -42.16 8.68 -3.85
CA TYR B 181 -41.57 8.66 -5.17
C TYR B 181 -40.37 7.73 -5.16
N LEU B 182 -39.44 8.01 -4.26
CA LEU B 182 -38.21 7.22 -4.15
C LEU B 182 -38.43 5.75 -3.82
N GLU B 183 -39.42 5.46 -2.98
CA GLU B 183 -39.70 4.08 -2.65
C GLU B 183 -40.17 3.42 -3.93
N GLU B 184 -40.95 4.16 -4.74
CA GLU B 184 -41.44 3.65 -6.01
C GLU B 184 -40.27 3.38 -6.96
N LEU B 185 -39.38 4.35 -7.09
CA LEU B 185 -38.22 4.19 -7.96
C LEU B 185 -37.48 2.90 -7.61
N GLY B 186 -37.32 2.65 -6.32
CA GLY B 186 -36.65 1.44 -5.89
C GLY B 186 -35.30 1.71 -5.25
N VAL B 187 -35.05 2.97 -4.94
CA VAL B 187 -33.78 3.31 -4.33
C VAL B 187 -33.75 2.68 -2.97
N THR B 188 -32.59 2.17 -2.57
CA THR B 188 -32.43 1.56 -1.26
C THR B 188 -31.67 2.47 -0.29
N ALA B 189 -31.08 3.55 -0.81
CA ALA B 189 -30.31 4.48 0.03
C ALA B 189 -30.26 5.89 -0.56
N LEU B 190 -30.03 6.88 0.29
CA LEU B 190 -29.97 8.27 -0.15
C LEU B 190 -28.66 8.98 0.17
N TYR B 191 -28.01 9.51 -0.86
CA TYR B 191 -26.76 10.24 -0.66
C TYR B 191 -27.04 11.73 -0.81
N PHE B 192 -26.92 12.44 0.31
CA PHE B 192 -27.17 13.86 0.36
C PHE B 192 -25.88 14.62 0.34
N THR B 193 -25.81 15.60 -0.54
CA THR B 193 -24.64 16.45 -0.63
C THR B 193 -24.66 17.16 0.74
N PRO B 194 -23.66 17.99 1.04
CA PRO B 194 -23.72 18.63 2.34
C PRO B 194 -25.03 19.34 2.58
N ILE B 195 -25.57 19.18 3.79
CA ILE B 195 -26.80 19.83 4.18
C ILE B 195 -26.61 20.43 5.56
N PHE B 196 -25.48 21.10 5.77
CA PHE B 196 -25.21 21.71 7.06
C PHE B 196 -25.23 23.22 6.89
N ALA B 197 -25.54 23.94 7.95
CA ALA B 197 -25.63 25.39 7.88
C ALA B 197 -24.50 26.04 7.05
N SER B 198 -24.90 26.69 5.96
CA SER B 198 -23.98 27.36 5.06
C SER B 198 -24.71 28.43 4.27
N PRO B 199 -24.02 29.56 4.01
CA PRO B 199 -24.60 30.68 3.26
C PRO B 199 -24.87 30.44 1.78
N SER B 200 -24.46 29.29 1.26
CA SER B 200 -24.63 28.97 -0.16
C SER B 200 -25.63 27.87 -0.46
N HIS B 201 -25.91 27.65 -1.75
CA HIS B 201 -26.84 26.60 -2.15
C HIS B 201 -26.19 25.25 -1.91
N HIS B 202 -24.92 25.13 -2.30
CA HIS B 202 -24.17 23.90 -2.07
C HIS B 202 -23.63 24.19 -0.67
N LYS B 203 -23.95 23.38 0.31
CA LYS B 203 -23.46 23.67 1.66
C LYS B 203 -22.09 23.08 1.92
N TYR B 204 -21.14 23.36 1.03
CA TYR B 204 -19.78 22.83 1.11
C TYR B 204 -18.81 23.71 1.91
N ASP B 205 -19.21 24.96 2.12
CA ASP B 205 -18.42 25.89 2.90
C ASP B 205 -19.13 25.91 4.24
N THR B 206 -18.96 24.82 4.96
CA THR B 206 -19.58 24.61 6.26
C THR B 206 -19.36 25.70 7.31
N ALA B 207 -20.47 26.24 7.80
CA ALA B 207 -20.47 27.32 8.80
C ALA B 207 -20.63 26.76 10.21
N ASP B 208 -21.41 25.69 10.31
CA ASP B 208 -21.68 25.04 11.58
C ASP B 208 -21.88 23.56 11.28
N TYR B 209 -20.92 22.73 11.66
CA TYR B 209 -21.01 21.30 11.38
C TYR B 209 -22.06 20.67 12.26
N LEU B 210 -22.44 21.38 13.31
CA LEU B 210 -23.40 20.83 14.23
C LEU B 210 -24.79 21.43 14.13
N ALA B 211 -25.24 21.75 12.92
CA ALA B 211 -26.56 22.31 12.77
C ALA B 211 -27.10 22.19 11.37
N ILE B 212 -28.32 21.68 11.24
CA ILE B 212 -28.90 21.55 9.92
C ILE B 212 -29.01 22.94 9.38
N ASP B 213 -28.72 23.11 8.09
CA ASP B 213 -28.80 24.44 7.51
C ASP B 213 -30.22 24.93 7.72
N PRO B 214 -30.38 26.16 8.24
CA PRO B 214 -31.68 26.76 8.50
C PRO B 214 -32.68 26.77 7.35
N GLN B 215 -32.21 27.06 6.14
CA GLN B 215 -33.08 27.09 4.99
C GLN B 215 -33.46 25.68 4.54
N PHE B 216 -32.77 24.68 5.11
CA PHE B 216 -33.07 23.30 4.78
C PHE B 216 -34.01 22.68 5.82
N GLY B 217 -33.87 23.10 7.07
CA GLY B 217 -34.72 22.60 8.13
C GLY B 217 -34.05 22.53 9.49
N ASP B 218 -34.50 21.63 10.36
CA ASP B 218 -33.89 21.53 11.66
C ASP B 218 -33.73 20.08 12.07
N LEU B 219 -33.03 19.86 13.17
CA LEU B 219 -32.75 18.52 13.65
C LEU B 219 -34.00 17.65 13.83
N PRO B 220 -35.07 18.19 14.47
CA PRO B 220 -36.30 17.43 14.67
C PRO B 220 -36.86 16.88 13.37
N THR B 221 -36.80 17.72 12.34
CA THR B 221 -37.30 17.34 11.03
C THR B 221 -36.38 16.32 10.41
N PHE B 222 -35.07 16.52 10.58
CA PHE B 222 -34.07 15.62 10.07
C PHE B 222 -34.26 14.22 10.64
N ARG B 223 -34.47 14.17 11.95
CA ARG B 223 -34.70 12.91 12.65
C ARG B 223 -35.88 12.23 11.97
N ARG B 224 -36.87 13.03 11.61
CA ARG B 224 -38.05 12.53 10.94
C ARG B 224 -37.68 11.96 9.58
N LEU B 225 -36.84 12.67 8.84
CA LEU B 225 -36.41 12.22 7.52
C LEU B 225 -35.79 10.83 7.65
N VAL B 226 -34.81 10.73 8.53
CA VAL B 226 -34.15 9.47 8.71
C VAL B 226 -35.19 8.36 8.91
N ASP B 227 -36.16 8.59 9.79
CA ASP B 227 -37.19 7.58 10.09
C ASP B 227 -38.16 7.20 8.97
N GLU B 228 -38.77 8.20 8.33
CA GLU B 228 -39.72 7.93 7.24
C GLU B 228 -39.00 7.28 6.08
N ALA B 229 -37.70 7.57 5.97
CA ALA B 229 -36.86 7.00 4.93
C ALA B 229 -36.52 5.57 5.35
N HIS B 230 -36.11 5.40 6.59
CA HIS B 230 -35.79 4.07 7.07
C HIS B 230 -36.99 3.13 6.92
N ARG B 231 -38.16 3.52 7.41
CA ARG B 231 -39.32 2.65 7.30
C ARG B 231 -39.77 2.42 5.85
N ARG B 232 -39.30 3.25 4.94
CA ARG B 232 -39.64 3.09 3.54
C ARG B 232 -38.52 2.21 2.95
N GLY B 233 -37.59 1.81 3.81
CA GLY B 233 -36.47 0.96 3.41
C GLY B 233 -35.25 1.60 2.76
N ILE B 234 -35.03 2.86 3.09
CA ILE B 234 -33.93 3.65 2.54
C ILE B 234 -33.01 4.09 3.64
N LYS B 235 -31.71 3.89 3.43
CA LYS B 235 -30.69 4.29 4.39
C LYS B 235 -30.31 5.73 4.01
N ILE B 236 -29.63 6.43 4.94
CA ILE B 236 -29.24 7.80 4.71
C ILE B 236 -27.73 8.00 4.80
N ILE B 237 -27.18 8.66 3.79
CA ILE B 237 -25.76 8.96 3.77
C ILE B 237 -25.52 10.46 3.62
N LEU B 238 -24.71 11.01 4.52
CA LEU B 238 -24.42 12.43 4.52
C LEU B 238 -23.04 12.77 3.94
N ASP B 239 -22.89 14.01 3.47
CA ASP B 239 -21.64 14.53 2.87
C ASP B 239 -20.78 15.15 3.99
N ALA B 240 -19.57 14.62 4.19
CA ALA B 240 -18.66 15.13 5.22
C ALA B 240 -17.66 16.02 4.55
N VAL B 241 -17.71 17.30 4.90
CA VAL B 241 -16.79 18.27 4.32
C VAL B 241 -15.69 18.41 5.35
N PHE B 242 -14.77 17.45 5.33
CA PHE B 242 -13.67 17.43 6.27
C PHE B 242 -12.32 17.89 5.76
N ASN B 243 -12.18 18.11 4.47
CA ASN B 243 -10.89 18.55 3.99
C ASN B 243 -10.76 20.03 4.28
N HIS B 244 -11.88 20.73 4.25
CA HIS B 244 -11.91 22.16 4.52
C HIS B 244 -13.23 22.61 5.12
N ALA B 245 -13.23 23.74 5.82
CA ALA B 245 -14.43 24.28 6.41
C ALA B 245 -14.81 25.51 5.61
N GLY B 246 -15.90 26.16 6.01
CA GLY B 246 -16.36 27.37 5.34
C GLY B 246 -15.82 28.61 6.04
N ASP B 247 -15.75 29.72 5.32
CA ASP B 247 -15.22 30.97 5.86
C ASP B 247 -16.04 31.46 7.06
N GLN B 248 -17.18 30.82 7.28
CA GLN B 248 -18.10 31.14 8.36
C GLN B 248 -17.80 30.30 9.61
N PHE B 249 -17.05 29.23 9.45
CA PHE B 249 -16.72 28.29 10.54
C PHE B 249 -16.33 29.00 11.82
N PHE B 250 -17.01 28.61 12.90
CA PHE B 250 -16.76 29.22 14.21
C PHE B 250 -15.26 29.36 14.49
N ALA B 251 -14.51 28.27 14.37
CA ALA B 251 -13.08 28.32 14.65
C ALA B 251 -12.34 29.27 13.71
N PHE B 252 -12.70 29.26 12.43
CA PHE B 252 -12.02 30.12 11.48
C PHE B 252 -12.26 31.60 11.72
N ARG B 253 -13.44 31.93 12.24
CA ARG B 253 -13.78 33.31 12.51
C ARG B 253 -12.85 33.89 13.56
N ASP B 254 -12.56 33.09 14.57
CA ASP B 254 -11.71 33.52 15.67
C ASP B 254 -10.26 33.82 15.24
N VAL B 255 -9.67 32.92 14.44
CA VAL B 255 -8.30 33.13 14.00
C VAL B 255 -8.25 34.30 13.04
N LEU B 256 -9.37 34.55 12.37
CA LEU B 256 -9.47 35.67 11.43
C LEU B 256 -9.58 37.02 12.14
N GLN B 257 -10.07 37.00 13.37
CA GLN B 257 -10.22 38.21 14.16
C GLN B 257 -9.06 38.46 15.13
N LYS B 258 -8.32 37.42 15.47
CA LYS B 258 -7.22 37.55 16.43
C LYS B 258 -5.90 37.00 15.90
N GLY B 259 -5.95 36.42 14.71
CA GLY B 259 -4.77 35.86 14.07
C GLY B 259 -3.83 35.12 14.98
N GLU B 260 -2.54 35.38 14.83
CA GLU B 260 -1.49 34.73 15.62
C GLU B 260 -1.82 34.56 17.10
N GLN B 261 -2.62 35.46 17.64
CA GLN B 261 -3.00 35.41 19.06
C GLN B 261 -4.29 34.61 19.32
N SER B 262 -4.80 33.96 18.26
CA SER B 262 -6.00 33.12 18.32
C SER B 262 -5.76 31.70 18.79
N ARG B 263 -6.65 31.18 19.65
CA ARG B 263 -6.49 29.82 20.15
C ARG B 263 -6.60 28.77 19.04
N TYR B 264 -7.24 29.14 17.93
CA TYR B 264 -7.44 28.23 16.80
C TYR B 264 -6.66 28.61 15.54
N LYS B 265 -5.55 29.31 15.69
CA LYS B 265 -4.77 29.71 14.53
C LYS B 265 -4.18 28.49 13.80
N ASP B 266 -3.84 27.46 14.58
CA ASP B 266 -3.23 26.23 14.07
C ASP B 266 -4.15 25.15 13.47
N TRP B 267 -5.44 25.46 13.37
CA TRP B 267 -6.39 24.53 12.78
C TRP B 267 -6.43 24.69 11.25
N PHE B 268 -5.68 25.65 10.73
CA PHE B 268 -5.64 25.91 9.28
C PHE B 268 -4.21 26.07 8.71
N PHE B 269 -4.10 26.38 7.42
CA PHE B 269 -2.81 26.58 6.77
C PHE B 269 -2.52 28.03 6.40
N ILE B 270 -2.21 28.86 7.40
CA ILE B 270 -1.96 30.28 7.15
C ILE B 270 -0.51 30.74 6.93
N GLU B 271 -0.27 31.39 5.80
CA GLU B 271 1.06 31.91 5.42
C GLU B 271 1.51 33.15 6.20
N ASP B 272 0.98 34.32 5.81
CA ASP B 272 1.32 35.63 6.39
C ASP B 272 0.26 36.27 7.28
N PHE B 273 0.72 36.85 8.37
CA PHE B 273 -0.14 37.51 9.33
C PHE B 273 -0.01 39.01 9.16
N PRO B 274 -1.10 39.74 9.45
CA PRO B 274 -2.39 39.19 9.87
C PRO B 274 -3.22 38.89 8.62
N VAL B 275 -4.17 37.96 8.70
CA VAL B 275 -5.01 37.66 7.55
C VAL B 275 -6.13 38.70 7.51
N SER B 276 -6.49 39.14 6.32
CA SER B 276 -7.57 40.11 6.18
C SER B 276 -8.87 39.34 5.86
N LYS B 277 -9.91 40.06 5.46
CA LYS B 277 -11.22 39.46 5.15
C LYS B 277 -11.61 39.89 3.73
N THR B 278 -10.79 40.77 3.15
CA THR B 278 -11.00 41.28 1.81
C THR B 278 -11.12 40.16 0.78
N SER B 279 -9.96 39.71 0.30
CA SER B 279 -9.86 38.65 -0.69
C SER B 279 -8.41 38.15 -0.77
N ARG B 280 -7.47 38.94 -0.23
CA ARG B 280 -6.06 38.57 -0.27
C ARG B 280 -5.85 37.34 0.62
N THR B 281 -5.80 36.19 -0.04
CA THR B 281 -5.63 34.90 0.61
C THR B 281 -4.27 34.69 1.27
N ASN B 282 -4.30 34.43 2.57
CA ASN B 282 -3.09 34.21 3.35
C ASN B 282 -3.13 32.81 3.94
N TYR B 283 -4.03 32.00 3.40
CA TYR B 283 -4.18 30.63 3.85
C TYR B 283 -4.51 29.78 2.65
N GLU B 284 -4.07 28.52 2.66
CA GLU B 284 -4.37 27.62 1.55
C GLU B 284 -5.86 27.37 1.61
N THR B 285 -6.50 27.22 0.46
CA THR B 285 -7.94 26.99 0.46
C THR B 285 -8.26 25.81 -0.41
N PHE B 286 -9.55 25.48 -0.49
CA PHE B 286 -10.00 24.36 -1.26
C PHE B 286 -9.15 24.10 -2.51
N ALA B 287 -9.52 24.71 -3.63
CA ALA B 287 -8.78 24.47 -4.84
C ALA B 287 -7.59 25.40 -4.93
N VAL B 288 -7.80 26.55 -5.55
CA VAL B 288 -6.74 27.53 -5.70
C VAL B 288 -7.02 28.60 -4.64
N GLN B 289 -7.66 29.68 -5.04
CA GLN B 289 -8.01 30.72 -4.07
C GLN B 289 -9.52 30.86 -3.97
N VAL B 290 -10.09 30.08 -3.05
CA VAL B 290 -11.53 30.08 -2.80
C VAL B 290 -11.69 30.46 -1.34
N PRO B 291 -11.70 31.77 -1.06
CA PRO B 291 -11.82 32.39 0.26
C PRO B 291 -12.88 31.82 1.19
N ALA B 292 -13.90 31.18 0.64
CA ALA B 292 -14.98 30.61 1.45
C ALA B 292 -14.70 29.20 1.99
N MET B 293 -13.60 28.58 1.56
CA MET B 293 -13.30 27.23 2.01
C MET B 293 -11.86 27.01 2.48
N PRO B 294 -11.52 27.50 3.68
CA PRO B 294 -10.16 27.33 4.19
C PRO B 294 -9.96 25.87 4.54
N LYS B 295 -8.79 25.35 4.22
CA LYS B 295 -8.52 23.96 4.49
C LYS B 295 -8.38 23.73 5.98
N LEU B 296 -8.99 22.64 6.45
CA LEU B 296 -8.86 22.24 7.85
C LEU B 296 -7.60 21.37 7.90
N ARG B 297 -6.82 21.53 8.96
CA ARG B 297 -5.60 20.76 9.12
C ARG B 297 -5.99 19.51 9.92
N THR B 298 -6.57 18.53 9.22
CA THR B 298 -6.99 17.28 9.86
C THR B 298 -5.79 16.65 10.52
N GLU B 299 -4.60 17.05 10.12
CA GLU B 299 -3.42 16.49 10.72
C GLU B 299 -3.34 16.91 12.16
N ASN B 300 -3.95 18.06 12.46
CA ASN B 300 -3.97 18.59 13.82
C ASN B 300 -4.94 17.79 14.68
N PRO B 301 -4.46 17.26 15.81
CA PRO B 301 -5.35 16.49 16.67
C PRO B 301 -6.56 17.28 17.14
N GLU B 302 -6.42 18.59 17.34
CA GLU B 302 -7.54 19.41 17.80
C GLU B 302 -8.64 19.36 16.75
N VAL B 303 -8.25 19.42 15.47
CA VAL B 303 -9.21 19.33 14.36
C VAL B 303 -9.78 17.93 14.25
N LYS B 304 -8.94 16.93 14.52
CA LYS B 304 -9.35 15.55 14.45
C LYS B 304 -10.42 15.29 15.52
N GLU B 305 -10.11 15.71 16.75
CA GLU B 305 -11.02 15.54 17.87
C GLU B 305 -12.38 16.14 17.54
N TYR B 306 -12.34 17.36 17.02
CA TYR B 306 -13.57 18.06 16.69
C TYR B 306 -14.42 17.37 15.65
N LEU B 307 -13.85 17.17 14.46
CA LEU B 307 -14.58 16.53 13.38
C LEU B 307 -15.19 15.21 13.82
N PHE B 308 -14.44 14.49 14.66
CA PHE B 308 -14.91 13.21 15.14
C PHE B 308 -16.12 13.33 16.07
N ASP B 309 -16.19 14.39 16.85
CA ASP B 309 -17.35 14.60 17.71
C ASP B 309 -18.52 14.93 16.76
N VAL B 310 -18.20 15.68 15.70
CA VAL B 310 -19.17 16.07 14.69
C VAL B 310 -19.79 14.85 14.03
N ALA B 311 -18.94 13.94 13.63
CA ALA B 311 -19.40 12.70 13.03
C ALA B 311 -20.16 11.93 14.10
N ARG B 312 -19.59 11.81 15.29
CA ARG B 312 -20.22 11.07 16.38
C ARG B 312 -21.64 11.55 16.55
N PHE B 313 -21.80 12.85 16.74
CA PHE B 313 -23.12 13.44 16.89
C PHE B 313 -24.05 13.04 15.76
N TRP B 314 -23.60 13.24 14.52
CA TRP B 314 -24.43 12.92 13.37
C TRP B 314 -24.77 11.46 13.19
N MET B 315 -23.87 10.56 13.57
CA MET B 315 -24.16 9.15 13.44
C MET B 315 -25.18 8.80 14.52
N GLU B 316 -25.16 9.59 15.60
CA GLU B 316 -26.08 9.43 16.72
C GLU B 316 -27.48 9.82 16.29
N GLN B 317 -27.60 10.57 15.20
CA GLN B 317 -28.91 10.97 14.73
C GLN B 317 -29.62 9.86 13.95
N GLY B 318 -28.91 8.77 13.70
CA GLY B 318 -29.49 7.64 12.97
C GLY B 318 -29.06 7.43 11.53
N ILE B 319 -28.14 8.25 11.03
CA ILE B 319 -27.64 8.14 9.65
C ILE B 319 -26.91 6.82 9.39
N ASP B 320 -26.81 6.44 8.12
CA ASP B 320 -26.18 5.18 7.77
C ASP B 320 -24.84 5.18 7.05
N GLY B 321 -24.24 6.34 6.86
CA GLY B 321 -22.96 6.36 6.18
C GLY B 321 -22.51 7.75 5.76
N TRP B 322 -21.29 7.84 5.24
CA TRP B 322 -20.78 9.14 4.83
C TRP B 322 -20.19 9.08 3.45
N ARG B 323 -20.14 10.25 2.82
CA ARG B 323 -19.54 10.42 1.51
C ARG B 323 -18.41 11.33 1.93
N LEU B 324 -17.18 10.91 1.71
CA LEU B 324 -16.08 11.75 2.13
C LEU B 324 -15.73 12.72 1.03
N ASN B 325 -16.08 13.98 1.22
CA ASN B 325 -15.80 15.01 0.22
C ASN B 325 -14.32 15.43 0.19
N VAL B 326 -13.80 15.48 -1.03
CA VAL B 326 -12.39 15.79 -1.32
C VAL B 326 -11.52 14.96 -0.41
N ALA B 327 -11.98 13.72 -0.18
CA ALA B 327 -11.32 12.79 0.71
C ALA B 327 -9.84 12.58 0.46
N ASN B 328 -9.45 12.48 -0.80
CA ASN B 328 -8.05 12.22 -1.10
C ASN B 328 -7.07 13.29 -0.65
N GLU B 329 -7.56 14.44 -0.21
CA GLU B 329 -6.63 15.48 0.22
C GLU B 329 -6.52 15.56 1.75
N VAL B 330 -7.08 14.57 2.43
CA VAL B 330 -7.04 14.50 3.88
C VAL B 330 -6.12 13.31 4.17
N ASP B 331 -5.31 13.39 5.21
CA ASP B 331 -4.38 12.31 5.51
C ASP B 331 -4.96 10.94 5.82
N HIS B 332 -4.28 9.90 5.35
CA HIS B 332 -4.71 8.54 5.57
C HIS B 332 -4.76 8.28 7.05
N ALA B 333 -3.79 8.86 7.74
CA ALA B 333 -3.73 8.67 9.17
C ALA B 333 -5.12 8.97 9.69
N PHE B 334 -5.66 10.11 9.28
CA PHE B 334 -6.98 10.56 9.69
C PHE B 334 -8.10 9.63 9.26
N TRP B 335 -8.08 9.24 8.00
CA TRP B 335 -9.11 8.36 7.49
C TRP B 335 -9.05 6.99 8.15
N ARG B 336 -7.84 6.54 8.48
CA ARG B 336 -7.68 5.26 9.15
C ARG B 336 -8.35 5.27 10.53
N GLU B 337 -8.22 6.37 11.26
CA GLU B 337 -8.84 6.48 12.59
C GLU B 337 -10.34 6.67 12.49
N PHE B 338 -10.78 7.34 11.44
CA PHE B 338 -12.21 7.60 11.20
C PHE B 338 -12.96 6.27 11.07
N ARG B 339 -12.38 5.35 10.31
CA ARG B 339 -12.99 4.05 10.13
C ARG B 339 -13.02 3.39 11.50
N ARG B 340 -11.90 3.53 12.21
CA ARG B 340 -11.72 2.94 13.53
C ARG B 340 -12.93 3.32 14.38
N LEU B 341 -13.22 4.62 14.39
CA LEU B 341 -14.34 5.20 15.12
C LEU B 341 -15.71 4.80 14.60
N VAL B 342 -16.03 5.21 13.38
CA VAL B 342 -17.33 4.92 12.77
C VAL B 342 -17.75 3.48 12.90
N LYS B 343 -16.93 2.59 12.35
CA LYS B 343 -17.27 1.17 12.36
C LYS B 343 -17.55 0.63 13.75
N SER B 344 -16.97 1.28 14.77
CA SER B 344 -17.20 0.89 16.14
C SER B 344 -18.58 1.36 16.60
N LEU B 345 -19.00 2.51 16.07
CA LEU B 345 -20.30 3.11 16.38
C LEU B 345 -21.45 2.37 15.72
N ASN B 346 -21.22 1.98 14.48
CA ASN B 346 -22.20 1.24 13.71
C ASN B 346 -21.47 0.52 12.60
N PRO B 347 -21.03 -0.72 12.87
CA PRO B 347 -20.29 -1.56 11.93
C PRO B 347 -20.90 -1.62 10.54
N ASP B 348 -22.17 -1.24 10.45
CA ASP B 348 -22.87 -1.26 9.18
C ASP B 348 -22.95 0.11 8.55
N ALA B 349 -22.24 1.08 9.10
CA ALA B 349 -22.24 2.43 8.52
C ALA B 349 -21.35 2.37 7.31
N LEU B 350 -21.81 2.87 6.18
CA LEU B 350 -21.01 2.81 4.97
C LEU B 350 -20.02 3.95 4.89
N ILE B 351 -18.82 3.68 4.35
CA ILE B 351 -17.82 4.75 4.24
C ILE B 351 -17.35 4.87 2.80
N VAL B 352 -17.78 5.93 2.14
CA VAL B 352 -17.46 6.14 0.75
C VAL B 352 -16.70 7.42 0.54
N GLY B 353 -15.60 7.33 -0.20
CA GLY B 353 -14.81 8.52 -0.44
C GLY B 353 -14.95 9.08 -1.83
N GLU B 354 -14.65 10.36 -1.97
CA GLU B 354 -14.69 11.07 -3.22
C GLU B 354 -13.26 11.27 -3.69
N ILE B 355 -12.88 10.44 -4.66
CA ILE B 355 -11.56 10.45 -5.27
C ILE B 355 -11.80 10.16 -6.74
N TRP B 356 -11.58 11.17 -7.58
CA TRP B 356 -11.84 11.01 -9.00
C TRP B 356 -10.64 10.42 -9.75
N HIS B 357 -9.93 9.46 -9.17
CA HIS B 357 -8.79 8.85 -9.84
C HIS B 357 -8.37 7.57 -9.13
N ASP B 358 -7.33 6.88 -9.62
CA ASP B 358 -6.93 5.64 -8.97
C ASP B 358 -6.90 5.79 -7.47
N ALA B 359 -7.84 5.13 -6.82
CA ALA B 359 -7.99 5.18 -5.38
C ALA B 359 -7.57 3.90 -4.70
N SER B 360 -6.90 3.02 -5.43
CA SER B 360 -6.46 1.75 -4.84
C SER B 360 -5.80 1.96 -3.48
N GLY B 361 -5.14 3.09 -3.30
CA GLY B 361 -4.50 3.38 -2.04
C GLY B 361 -5.47 3.55 -0.88
N TRP B 362 -6.75 3.65 -1.20
CA TRP B 362 -7.77 3.82 -0.17
C TRP B 362 -8.74 2.64 -0.11
N LEU B 363 -8.56 1.66 -0.98
CA LEU B 363 -9.45 0.52 -0.96
C LEU B 363 -8.72 -0.72 -0.54
N MET B 364 -7.84 -0.57 0.44
CA MET B 364 -7.09 -1.69 0.94
C MET B 364 -7.76 -2.37 2.13
N GLY B 365 -8.83 -1.74 2.64
CA GLY B 365 -9.54 -2.29 3.79
C GLY B 365 -9.31 -1.55 5.08
N ASP B 366 -8.48 -0.52 5.08
CA ASP B 366 -8.24 0.23 6.30
C ASP B 366 -8.84 1.65 6.37
N GLN B 367 -9.37 2.16 5.27
CA GLN B 367 -9.97 3.51 5.27
C GLN B 367 -11.40 3.62 4.77
N PHE B 368 -11.61 3.62 3.45
CA PHE B 368 -12.97 3.71 2.92
C PHE B 368 -13.46 2.36 2.45
N ASP B 369 -14.78 2.25 2.33
CA ASP B 369 -15.44 1.04 1.88
C ASP B 369 -15.65 1.08 0.38
N SER B 370 -15.67 2.29 -0.18
CA SER B 370 -15.92 2.51 -1.60
C SER B 370 -15.50 3.92 -2.02
N VAL B 371 -15.72 4.22 -3.30
CA VAL B 371 -15.40 5.53 -3.86
C VAL B 371 -16.32 5.84 -5.03
N MET B 372 -16.31 7.08 -5.49
CA MET B 372 -17.12 7.44 -6.64
C MET B 372 -16.29 6.93 -7.80
N ASN B 373 -16.81 6.03 -8.62
CA ASN B 373 -16.00 5.52 -9.72
C ASN B 373 -15.88 6.47 -10.90
N TYR B 374 -14.89 7.38 -10.84
CA TYR B 374 -14.62 8.34 -11.89
C TYR B 374 -14.20 7.56 -13.12
N LEU B 375 -13.41 6.50 -12.93
CA LEU B 375 -12.95 5.74 -14.08
C LEU B 375 -14.08 4.97 -14.75
N PHE B 376 -15.14 4.69 -14.00
CA PHE B 376 -16.29 4.02 -14.58
C PHE B 376 -16.98 5.00 -15.53
N ARG B 377 -17.11 6.23 -15.06
CA ARG B 377 -17.75 7.29 -15.83
C ARG B 377 -17.00 7.67 -17.10
N GLU B 378 -15.68 7.86 -16.99
CA GLU B 378 -14.91 8.24 -18.16
C GLU B 378 -15.14 7.19 -19.24
N SER B 379 -15.06 5.92 -18.83
CA SER B 379 -15.22 4.81 -19.75
C SER B 379 -16.61 4.81 -20.38
N VAL B 380 -17.64 5.05 -19.58
CA VAL B 380 -18.98 5.03 -20.14
C VAL B 380 -19.24 6.20 -21.06
N ILE B 381 -18.77 7.40 -20.69
CA ILE B 381 -18.96 8.56 -21.56
C ILE B 381 -18.22 8.29 -22.86
N ARG B 382 -16.93 7.99 -22.74
CA ARG B 382 -16.12 7.70 -23.91
C ARG B 382 -16.72 6.56 -24.74
N PHE B 383 -17.31 5.56 -24.10
CA PHE B 383 -17.88 4.47 -24.88
C PHE B 383 -19.29 4.73 -25.44
N PHE B 384 -20.22 5.13 -24.58
CA PHE B 384 -21.60 5.36 -25.00
C PHE B 384 -21.95 6.77 -25.54
N ALA B 385 -21.49 7.82 -24.86
CA ALA B 385 -21.79 9.20 -25.27
C ALA B 385 -21.01 9.75 -26.48
N THR B 386 -19.70 9.94 -26.33
CA THR B 386 -18.86 10.48 -27.40
C THR B 386 -18.48 9.49 -28.49
N GLY B 387 -18.26 8.24 -28.12
CA GLY B 387 -17.86 7.24 -29.10
C GLY B 387 -16.38 7.38 -29.39
N GLU B 388 -15.62 7.87 -28.42
CA GLU B 388 -14.19 8.07 -28.60
C GLU B 388 -13.52 6.70 -28.63
N ILE B 389 -14.22 5.72 -28.09
CA ILE B 389 -13.67 4.39 -28.04
C ILE B 389 -14.67 3.37 -28.52
N HIS B 390 -14.16 2.30 -29.10
CA HIS B 390 -15.02 1.25 -29.61
C HIS B 390 -15.15 0.18 -28.53
N ALA B 391 -15.96 -0.85 -28.77
CA ALA B 391 -16.19 -1.90 -27.77
C ALA B 391 -14.99 -2.60 -27.13
N GLU B 392 -14.02 -3.03 -27.93
CA GLU B 392 -12.86 -3.71 -27.39
C GLU B 392 -12.02 -2.78 -26.52
N ARG B 393 -11.89 -1.53 -26.94
CA ARG B 393 -11.14 -0.57 -26.16
C ARG B 393 -11.87 -0.45 -24.84
N PHE B 394 -13.19 -0.32 -24.91
CA PHE B 394 -14.06 -0.20 -23.73
C PHE B 394 -13.90 -1.42 -22.84
N ASP B 395 -13.93 -2.59 -23.47
CA ASP B 395 -13.78 -3.85 -22.76
C ASP B 395 -12.50 -3.75 -21.92
N ALA B 396 -11.43 -3.29 -22.57
CA ALA B 396 -10.16 -3.16 -21.89
C ALA B 396 -10.27 -2.23 -20.70
N GLU B 397 -10.82 -1.05 -20.92
CA GLU B 397 -10.95 -0.06 -19.85
C GLU B 397 -11.62 -0.53 -18.58
N LEU B 398 -12.72 -1.26 -18.68
CA LEU B 398 -13.33 -1.69 -17.45
C LEU B 398 -12.41 -2.73 -16.85
N THR B 399 -12.03 -3.70 -17.68
CA THR B 399 -11.19 -4.80 -17.24
C THR B 399 -9.93 -4.30 -16.54
N ARG B 400 -9.37 -3.22 -17.03
CA ARG B 400 -8.17 -2.66 -16.40
C ARG B 400 -8.44 -2.24 -14.94
N ALA B 401 -9.45 -1.38 -14.75
CA ALA B 401 -9.82 -0.87 -13.43
C ALA B 401 -10.36 -1.89 -12.43
N ARG B 402 -11.30 -2.72 -12.85
CA ARG B 402 -11.87 -3.74 -11.97
C ARG B 402 -10.74 -4.49 -11.29
N MET B 403 -9.60 -4.54 -11.96
CA MET B 403 -8.42 -5.23 -11.45
C MET B 403 -7.55 -4.35 -10.54
N LEU B 404 -7.92 -3.09 -10.42
CA LEU B 404 -7.15 -2.14 -9.63
C LEU B 404 -7.30 -2.25 -8.14
N TYR B 405 -8.49 -2.60 -7.70
CA TYR B 405 -8.77 -2.68 -6.28
C TYR B 405 -9.13 -4.10 -5.90
N PRO B 406 -9.14 -4.40 -4.60
CA PRO B 406 -9.51 -5.76 -4.27
C PRO B 406 -10.98 -5.90 -4.59
N GLU B 407 -11.41 -7.11 -4.90
CA GLU B 407 -12.79 -7.37 -5.21
C GLU B 407 -13.75 -6.64 -4.24
N GLN B 408 -13.36 -6.55 -2.97
CA GLN B 408 -14.21 -5.89 -1.97
C GLN B 408 -14.58 -4.48 -2.38
N ALA B 409 -13.67 -3.84 -3.11
CA ALA B 409 -13.90 -2.50 -3.55
C ALA B 409 -14.69 -2.52 -4.85
N ALA B 410 -14.22 -3.32 -5.79
CA ALA B 410 -14.87 -3.38 -7.07
C ALA B 410 -16.33 -3.73 -6.89
N GLN B 411 -16.61 -4.54 -5.90
CA GLN B 411 -17.98 -4.98 -5.65
C GLN B 411 -18.90 -3.89 -5.10
N GLY B 412 -18.29 -2.86 -4.49
CA GLY B 412 -19.08 -1.80 -3.90
C GLY B 412 -18.92 -0.40 -4.44
N LEU B 413 -18.09 -0.22 -5.47
CA LEU B 413 -17.88 1.11 -6.03
C LEU B 413 -19.18 1.75 -6.49
N TRP B 414 -19.29 3.04 -6.23
CA TRP B 414 -20.48 3.78 -6.64
C TRP B 414 -20.30 4.14 -8.11
N ASN B 415 -20.90 3.34 -9.00
CA ASN B 415 -20.80 3.58 -10.43
C ASN B 415 -21.84 4.55 -10.87
N LEU B 416 -21.42 5.78 -11.10
CA LEU B 416 -22.30 6.86 -11.51
C LEU B 416 -22.14 7.18 -13.00
N LEU B 417 -23.10 7.94 -13.55
CA LEU B 417 -23.04 8.34 -14.96
C LEU B 417 -22.67 9.81 -14.98
N ASP B 418 -23.10 10.49 -13.93
CA ASP B 418 -22.89 11.91 -13.74
C ASP B 418 -23.04 12.28 -12.27
N SER B 419 -22.93 13.57 -11.97
CA SER B 419 -23.06 14.05 -10.60
C SER B 419 -23.30 15.55 -10.62
N HIS B 420 -23.27 16.19 -9.46
CA HIS B 420 -23.45 17.62 -9.44
C HIS B 420 -22.23 18.40 -9.94
N ASP B 421 -21.17 17.69 -10.34
CA ASP B 421 -19.97 18.33 -10.87
C ASP B 421 -19.74 17.99 -12.33
N THR B 422 -20.67 17.26 -12.93
CA THR B 422 -20.56 16.90 -14.34
C THR B 422 -21.81 17.29 -15.13
N GLU B 423 -21.73 17.21 -16.46
CA GLU B 423 -22.88 17.57 -17.27
C GLU B 423 -23.82 16.38 -17.20
N ARG B 424 -25.11 16.60 -17.47
CA ARG B 424 -26.06 15.50 -17.41
C ARG B 424 -25.67 14.54 -18.51
N PHE B 425 -25.73 13.24 -18.20
CA PHE B 425 -25.33 12.21 -19.15
C PHE B 425 -26.12 12.31 -20.44
N LEU B 426 -27.41 12.55 -20.31
CA LEU B 426 -28.30 12.67 -21.46
C LEU B 426 -27.68 13.69 -22.41
N THR B 427 -27.25 14.81 -21.82
CA THR B 427 -26.63 15.90 -22.56
C THR B 427 -25.27 15.49 -23.14
N SER B 428 -24.53 14.68 -22.39
CA SER B 428 -23.23 14.23 -22.86
C SER B 428 -23.50 13.37 -24.08
N CYS B 429 -24.69 12.78 -24.13
CA CYS B 429 -25.08 11.92 -25.24
C CYS B 429 -25.76 12.65 -26.38
N GLY B 430 -25.73 13.98 -26.32
CA GLY B 430 -26.35 14.76 -27.38
C GLY B 430 -27.86 14.64 -27.40
N GLY B 431 -28.45 14.39 -26.24
CA GLY B 431 -29.89 14.26 -26.16
C GLY B 431 -30.40 12.94 -26.69
N ASN B 432 -29.50 12.06 -27.11
CA ASN B 432 -29.89 10.75 -27.66
C ASN B 432 -30.40 9.84 -26.55
N GLU B 433 -31.72 9.73 -26.40
CA GLU B 433 -32.31 8.90 -25.36
C GLU B 433 -31.91 7.46 -25.61
N ALA B 434 -31.63 7.14 -26.87
CA ALA B 434 -31.26 5.78 -27.23
C ALA B 434 -29.96 5.35 -26.61
N LYS B 435 -28.95 6.21 -26.69
CA LYS B 435 -27.64 5.87 -26.15
C LYS B 435 -27.72 5.86 -24.64
N PHE B 436 -28.47 6.82 -24.10
CA PHE B 436 -28.62 7.00 -22.66
C PHE B 436 -29.16 5.73 -22.00
N ARG B 437 -30.27 5.23 -22.53
CA ARG B 437 -30.84 4.04 -21.97
C ARG B 437 -29.83 2.91 -21.96
N LEU B 438 -28.95 2.87 -22.95
CA LEU B 438 -27.99 1.78 -23.02
C LEU B 438 -27.01 1.87 -21.87
N ALA B 439 -26.55 3.06 -21.58
CA ALA B 439 -25.61 3.20 -20.50
C ALA B 439 -26.28 2.92 -19.18
N VAL B 440 -27.49 3.43 -18.98
CA VAL B 440 -28.16 3.20 -17.71
C VAL B 440 -28.48 1.74 -17.50
N LEU B 441 -28.73 1.01 -18.59
CA LEU B 441 -28.97 -0.41 -18.47
C LEU B 441 -27.67 -1.02 -17.99
N PHE B 442 -26.58 -0.66 -18.65
CA PHE B 442 -25.26 -1.17 -18.29
C PHE B 442 -24.97 -0.79 -16.85
N GLN B 443 -25.18 0.47 -16.52
CA GLN B 443 -24.97 0.98 -15.18
C GLN B 443 -25.65 0.09 -14.17
N MET B 444 -26.82 -0.42 -14.56
CA MET B 444 -27.61 -1.29 -13.71
C MET B 444 -27.14 -2.73 -13.72
N THR B 445 -26.32 -3.11 -14.69
CA THR B 445 -25.91 -4.51 -14.70
C THR B 445 -24.45 -4.81 -14.42
N TYR B 446 -23.59 -3.80 -14.36
CA TYR B 446 -22.16 -4.08 -14.15
C TYR B 446 -21.80 -4.23 -12.66
N LEU B 447 -20.59 -4.67 -12.40
CA LEU B 447 -20.13 -4.84 -11.04
C LEU B 447 -20.11 -3.48 -10.36
N GLY B 448 -20.74 -3.38 -9.20
CA GLY B 448 -20.73 -2.13 -8.48
C GLY B 448 -22.11 -1.62 -8.11
N THR B 449 -22.16 -0.60 -7.28
CA THR B 449 -23.44 -0.06 -6.86
C THR B 449 -23.77 1.19 -7.62
N PRO B 450 -24.88 1.15 -8.36
CA PRO B 450 -25.39 2.24 -9.18
C PRO B 450 -25.78 3.44 -8.34
N LEU B 451 -25.40 4.61 -8.83
CA LEU B 451 -25.73 5.86 -8.16
C LEU B 451 -26.47 6.72 -9.17
N ILE B 452 -27.69 7.10 -8.83
CA ILE B 452 -28.50 7.90 -9.74
C ILE B 452 -28.44 9.36 -9.35
N TYR B 453 -28.02 10.20 -10.30
CA TYR B 453 -27.97 11.61 -10.00
C TYR B 453 -29.42 12.03 -10.16
N TYR B 454 -29.98 12.60 -9.08
CA TYR B 454 -31.37 12.98 -9.05
C TYR B 454 -31.91 13.62 -10.31
N GLY B 455 -33.05 13.10 -10.75
CA GLY B 455 -33.72 13.64 -11.92
C GLY B 455 -33.29 13.05 -13.23
N ASP B 456 -32.06 12.54 -13.25
CA ASP B 456 -31.52 11.98 -14.48
C ASP B 456 -32.43 10.83 -14.90
N GLU B 457 -33.19 10.31 -13.92
CA GLU B 457 -34.11 9.20 -14.15
C GLU B 457 -35.40 9.58 -14.90
N ILE B 458 -35.83 10.82 -14.82
CA ILE B 458 -37.03 11.24 -15.54
C ILE B 458 -36.70 12.05 -16.79
N GLY B 459 -35.46 11.92 -17.24
CA GLY B 459 -35.00 12.61 -18.42
C GLY B 459 -34.53 14.05 -18.36
N MET B 460 -34.03 14.51 -17.21
CA MET B 460 -33.54 15.88 -17.12
C MET B 460 -32.20 15.94 -17.85
N ALA B 461 -31.90 17.09 -18.45
CA ALA B 461 -30.63 17.26 -19.18
C ALA B 461 -29.98 18.52 -18.65
N GLY B 462 -28.75 18.78 -19.07
CA GLY B 462 -28.07 19.98 -18.61
C GLY B 462 -26.57 19.91 -18.73
N ALA B 463 -25.95 21.09 -18.67
CA ALA B 463 -24.51 21.20 -18.78
C ALA B 463 -23.90 21.07 -17.38
N THR B 464 -22.58 21.21 -17.31
CA THR B 464 -21.90 21.09 -16.04
C THR B 464 -22.38 22.16 -15.07
N ASP B 465 -21.81 22.11 -13.87
CA ASP B 465 -22.11 23.04 -12.79
C ASP B 465 -22.19 24.48 -13.26
N PRO B 466 -23.28 25.17 -12.90
CA PRO B 466 -24.36 24.60 -12.09
C PRO B 466 -25.55 24.17 -12.94
N ASP B 467 -25.38 24.18 -14.25
CA ASP B 467 -26.48 23.83 -15.15
C ASP B 467 -26.96 22.39 -14.96
N CYS B 468 -26.20 21.61 -14.20
CA CYS B 468 -26.56 20.21 -13.93
C CYS B 468 -27.41 20.12 -12.67
N ARG B 469 -27.56 21.25 -12.01
CA ARG B 469 -28.32 21.33 -10.78
C ARG B 469 -29.71 21.92 -10.98
N ARG B 470 -30.28 21.72 -12.16
CA ARG B 470 -31.61 22.25 -12.46
C ARG B 470 -32.67 21.67 -11.51
N PRO B 471 -33.70 22.47 -11.15
CA PRO B 471 -34.75 21.98 -10.26
C PRO B 471 -35.33 20.65 -10.75
N MET B 472 -35.51 19.71 -9.83
CA MET B 472 -36.08 18.41 -10.19
C MET B 472 -37.42 18.64 -10.87
N ILE B 473 -37.56 18.12 -12.09
CA ILE B 473 -38.80 18.26 -12.81
C ILE B 473 -39.82 17.40 -12.11
N TRP B 474 -40.83 18.05 -11.55
CA TRP B 474 -41.85 17.33 -10.81
C TRP B 474 -43.18 17.20 -11.55
N GLU B 475 -43.35 17.88 -12.68
CA GLU B 475 -44.62 17.80 -13.39
C GLU B 475 -44.79 16.50 -14.16
N GLU B 476 -45.88 15.79 -13.87
CA GLU B 476 -46.15 14.52 -14.53
C GLU B 476 -45.89 14.55 -16.04
N LYS B 477 -46.40 15.58 -16.70
CA LYS B 477 -46.26 15.69 -18.14
C LYS B 477 -44.83 15.90 -18.61
N GLU B 478 -44.06 16.67 -17.82
CA GLU B 478 -42.69 16.99 -18.18
C GLU B 478 -41.69 15.89 -17.82
N GLN B 479 -42.17 14.80 -17.23
CA GLN B 479 -41.30 13.69 -16.84
C GLN B 479 -41.35 12.56 -17.85
N ASN B 480 -40.19 11.99 -18.12
CA ASN B 480 -40.10 10.88 -19.05
C ASN B 480 -40.46 9.66 -18.21
N ARG B 481 -41.73 9.31 -18.19
CA ARG B 481 -42.13 8.16 -17.41
C ARG B 481 -41.58 6.91 -18.08
N GLY B 482 -41.51 6.95 -19.41
CA GLY B 482 -40.99 5.81 -20.14
C GLY B 482 -39.61 5.47 -19.60
N LEU B 483 -38.83 6.49 -19.30
CA LEU B 483 -37.50 6.29 -18.75
C LEU B 483 -37.63 5.77 -17.33
N PHE B 484 -38.47 6.45 -16.56
CA PHE B 484 -38.68 6.11 -15.16
C PHE B 484 -38.94 4.66 -15.01
N GLU B 485 -39.89 4.16 -15.79
CA GLU B 485 -40.27 2.76 -15.74
C GLU B 485 -39.12 1.87 -16.17
N PHE B 486 -38.23 2.41 -17.00
CA PHE B 486 -37.07 1.68 -17.45
C PHE B 486 -36.26 1.48 -16.18
N TYR B 487 -35.98 2.58 -15.49
CA TYR B 487 -35.21 2.48 -14.26
C TYR B 487 -35.87 1.55 -13.27
N LYS B 488 -37.18 1.72 -13.04
CA LYS B 488 -37.91 0.88 -12.09
C LYS B 488 -37.74 -0.58 -12.41
N GLU B 489 -37.86 -0.91 -13.70
CA GLU B 489 -37.71 -2.31 -14.11
C GLU B 489 -36.30 -2.80 -13.80
N LEU B 490 -35.30 -2.07 -14.30
CA LEU B 490 -33.89 -2.42 -14.08
C LEU B 490 -33.46 -2.51 -12.60
N ILE B 491 -33.93 -1.57 -11.79
CA ILE B 491 -33.58 -1.61 -10.37
C ILE B 491 -34.14 -2.92 -9.82
N ARG B 492 -35.44 -3.14 -10.04
CA ARG B 492 -36.10 -4.34 -9.55
C ARG B 492 -35.43 -5.60 -10.06
N LEU B 493 -35.10 -5.63 -11.35
CA LEU B 493 -34.46 -6.80 -11.94
C LEU B 493 -33.14 -7.08 -11.25
N ARG B 494 -32.45 -6.01 -10.86
CA ARG B 494 -31.16 -6.12 -10.21
C ARG B 494 -31.29 -6.77 -8.85
N HIS B 495 -32.41 -6.50 -8.18
CA HIS B 495 -32.65 -7.07 -6.87
C HIS B 495 -33.20 -8.49 -6.96
N ARG B 496 -33.81 -8.84 -8.09
CA ARG B 496 -34.42 -10.17 -8.25
C ARG B 496 -33.48 -11.22 -8.83
N LEU B 497 -32.22 -10.83 -9.09
CA LEU B 497 -31.18 -11.70 -9.65
C LEU B 497 -29.90 -11.57 -8.81
N ALA B 498 -29.62 -12.55 -7.94
CA ALA B 498 -28.45 -12.47 -7.07
C ALA B 498 -27.15 -12.12 -7.81
N SER B 499 -26.96 -12.70 -8.97
CA SER B 499 -25.75 -12.45 -9.72
C SER B 499 -25.51 -10.99 -9.96
N LEU B 500 -26.56 -10.23 -10.21
CA LEU B 500 -26.41 -8.81 -10.48
C LEU B 500 -25.98 -7.95 -9.28
N THR B 501 -25.98 -8.50 -8.08
CA THR B 501 -25.56 -7.69 -6.94
C THR B 501 -24.28 -8.24 -6.28
N ARG B 502 -24.06 -9.55 -6.39
CA ARG B 502 -22.90 -10.16 -5.79
C ARG B 502 -22.07 -11.00 -6.75
N GLY B 503 -22.51 -11.09 -8.01
CA GLY B 503 -21.76 -11.87 -8.98
C GLY B 503 -20.52 -11.17 -9.54
N ASN B 504 -19.56 -11.94 -10.05
CA ASN B 504 -18.33 -11.35 -10.60
C ASN B 504 -18.55 -10.85 -12.02
N VAL B 505 -17.48 -10.39 -12.66
CA VAL B 505 -17.59 -9.91 -14.03
C VAL B 505 -16.61 -10.60 -14.97
N ARG B 506 -17.09 -10.93 -16.16
CA ARG B 506 -16.28 -11.61 -17.16
C ARG B 506 -16.60 -11.14 -18.57
N SER B 507 -15.58 -10.69 -19.31
CA SER B 507 -15.78 -10.22 -20.68
C SER B 507 -16.31 -11.37 -21.54
N TRP B 508 -17.42 -11.12 -22.22
CA TRP B 508 -18.06 -12.14 -23.04
C TRP B 508 -17.83 -12.03 -24.55
N HIS B 509 -17.72 -10.80 -25.05
CA HIS B 509 -17.51 -10.60 -26.48
C HIS B 509 -17.26 -9.12 -26.80
N ALA B 510 -16.31 -8.85 -27.69
CA ALA B 510 -15.98 -7.47 -28.05
C ALA B 510 -15.60 -7.29 -29.52
N ASP B 511 -16.54 -6.78 -30.31
CA ASP B 511 -16.34 -6.58 -31.74
C ASP B 511 -16.13 -5.09 -31.97
N LYS B 512 -14.87 -4.69 -32.13
CA LYS B 512 -14.51 -3.28 -32.36
C LYS B 512 -15.12 -2.76 -33.65
N GLN B 513 -15.54 -3.66 -34.52
CA GLN B 513 -16.15 -3.26 -35.77
C GLN B 513 -17.64 -3.01 -35.55
N ALA B 514 -18.27 -3.90 -34.76
CA ALA B 514 -19.70 -3.80 -34.45
C ALA B 514 -19.97 -2.95 -33.21
N ASN B 515 -18.91 -2.56 -32.52
CA ASN B 515 -18.98 -1.76 -31.30
C ASN B 515 -20.01 -2.41 -30.41
N LEU B 516 -20.02 -3.73 -30.43
CA LEU B 516 -20.93 -4.51 -29.63
C LEU B 516 -20.11 -5.17 -28.54
N TYR B 517 -20.56 -5.05 -27.28
CA TYR B 517 -19.87 -5.63 -26.14
C TYR B 517 -20.78 -6.48 -25.25
N ALA B 518 -20.25 -7.57 -24.73
CA ALA B 518 -21.04 -8.42 -23.87
C ALA B 518 -20.20 -8.89 -22.72
N PHE B 519 -20.85 -9.05 -21.56
CA PHE B 519 -20.18 -9.51 -20.35
C PHE B 519 -21.14 -10.39 -19.58
N VAL B 520 -20.60 -11.19 -18.66
CA VAL B 520 -21.43 -12.08 -17.87
C VAL B 520 -21.20 -11.95 -16.37
N ARG B 521 -22.29 -11.91 -15.60
CA ARG B 521 -22.21 -11.81 -14.13
C ARG B 521 -22.47 -13.20 -13.54
N THR B 522 -21.56 -13.64 -12.68
CA THR B 522 -21.71 -14.96 -12.11
C THR B 522 -21.71 -15.03 -10.58
N VAL B 523 -22.65 -15.80 -10.04
CA VAL B 523 -22.76 -16.03 -8.61
C VAL B 523 -23.27 -17.46 -8.44
N GLN B 524 -22.47 -18.29 -7.76
CA GLN B 524 -22.82 -19.67 -7.55
C GLN B 524 -22.93 -20.21 -8.98
N ASP B 525 -24.00 -20.95 -9.27
CA ASP B 525 -24.21 -21.49 -10.61
C ASP B 525 -25.02 -20.60 -11.54
N GLN B 526 -25.42 -19.43 -11.08
CA GLN B 526 -26.21 -18.53 -11.90
C GLN B 526 -25.39 -17.61 -12.78
N HIS B 527 -25.78 -17.48 -14.03
CA HIS B 527 -25.08 -16.61 -14.97
C HIS B 527 -26.12 -15.71 -15.62
N VAL B 528 -25.80 -14.43 -15.71
CA VAL B 528 -26.69 -13.48 -16.34
C VAL B 528 -25.87 -12.70 -17.33
N GLY B 529 -26.15 -12.85 -18.61
CA GLY B 529 -25.39 -12.13 -19.60
C GLY B 529 -26.04 -10.86 -20.10
N VAL B 530 -25.25 -9.80 -20.20
CA VAL B 530 -25.76 -8.54 -20.71
C VAL B 530 -25.08 -8.24 -22.05
N VAL B 531 -25.86 -8.18 -23.12
CA VAL B 531 -25.30 -7.87 -24.42
C VAL B 531 -25.71 -6.46 -24.79
N LEU B 532 -24.72 -5.59 -25.01
CA LEU B 532 -24.99 -4.20 -25.34
C LEU B 532 -24.62 -3.92 -26.77
N ASN B 533 -25.60 -3.55 -27.58
CA ASN B 533 -25.32 -3.20 -28.97
C ASN B 533 -25.18 -1.68 -29.12
N ASN B 534 -23.99 -1.13 -28.87
CA ASN B 534 -23.82 0.32 -28.98
C ASN B 534 -23.48 0.72 -30.40
N ARG B 535 -24.44 0.51 -31.30
CA ARG B 535 -24.28 0.85 -32.70
C ARG B 535 -25.68 1.16 -33.21
N GLY B 536 -25.78 2.22 -34.00
CA GLY B 536 -27.08 2.60 -34.53
C GLY B 536 -27.56 1.73 -35.67
N GLU B 537 -27.33 0.42 -35.57
CA GLU B 537 -27.76 -0.50 -36.60
C GLU B 537 -28.05 -1.89 -36.06
N LYS B 538 -29.15 -2.45 -36.53
CA LYS B 538 -29.56 -3.77 -36.13
C LYS B 538 -28.49 -4.68 -36.71
N GLN B 539 -27.73 -5.32 -35.83
CA GLN B 539 -26.70 -6.24 -36.28
C GLN B 539 -26.87 -7.62 -35.65
N THR B 540 -26.07 -8.58 -36.12
CA THR B 540 -26.16 -9.95 -35.63
C THR B 540 -24.82 -10.46 -35.13
N VAL B 541 -24.76 -10.77 -33.84
CA VAL B 541 -23.56 -11.30 -33.23
C VAL B 541 -23.67 -12.80 -32.92
N LEU B 542 -22.53 -13.48 -32.92
CA LEU B 542 -22.47 -14.92 -32.64
C LEU B 542 -21.60 -15.13 -31.43
N LEU B 543 -22.22 -15.43 -30.29
CA LEU B 543 -21.49 -15.64 -29.03
C LEU B 543 -21.21 -17.10 -28.69
N GLN B 544 -20.07 -17.38 -28.07
CA GLN B 544 -19.75 -18.75 -27.70
C GLN B 544 -20.46 -19.05 -26.39
N VAL B 545 -21.05 -20.23 -26.28
CA VAL B 545 -21.78 -20.59 -25.08
C VAL B 545 -21.77 -22.09 -24.79
N PRO B 546 -20.71 -22.58 -24.10
CA PRO B 546 -20.61 -24.01 -23.77
C PRO B 546 -21.78 -24.51 -22.90
N GLU B 547 -22.48 -25.52 -23.41
CA GLU B 547 -23.63 -26.13 -22.72
C GLU B 547 -23.62 -26.06 -21.21
N SER B 548 -22.43 -26.09 -20.60
CA SER B 548 -22.30 -26.05 -19.14
C SER B 548 -23.14 -24.91 -18.55
N GLY B 549 -23.20 -23.80 -19.27
CA GLY B 549 -23.98 -22.67 -18.80
C GLY B 549 -25.44 -22.83 -19.18
N GLY B 550 -25.74 -23.74 -20.12
CA GLY B 550 -27.12 -23.95 -20.54
C GLY B 550 -27.38 -23.85 -22.05
N LYS B 551 -28.58 -24.27 -22.46
CA LYS B 551 -28.94 -24.22 -23.88
C LYS B 551 -30.07 -23.22 -24.09
N THR B 552 -30.49 -22.58 -23.02
CA THR B 552 -31.56 -21.62 -23.11
C THR B 552 -31.31 -20.47 -22.15
N TRP B 553 -31.66 -19.26 -22.56
CA TRP B 553 -31.49 -18.09 -21.70
C TRP B 553 -32.75 -17.23 -21.81
N LEU B 554 -33.04 -16.43 -20.80
CA LEU B 554 -34.23 -15.61 -20.82
C LEU B 554 -33.85 -14.13 -20.87
N ASP B 555 -34.29 -13.42 -21.91
CA ASP B 555 -33.96 -12.00 -21.96
C ASP B 555 -34.96 -11.37 -21.02
N CYS B 556 -34.53 -11.11 -19.79
CA CYS B 556 -35.41 -10.58 -18.79
C CYS B 556 -36.17 -9.32 -19.16
N LEU B 557 -35.80 -8.70 -20.27
CA LEU B 557 -36.50 -7.49 -20.69
C LEU B 557 -37.69 -7.82 -21.57
N THR B 558 -37.60 -8.95 -22.29
CA THR B 558 -38.67 -9.39 -23.18
C THR B 558 -39.17 -10.83 -23.02
N GLY B 559 -38.44 -11.80 -23.58
CA GLY B 559 -38.85 -13.20 -23.51
C GLY B 559 -37.75 -14.20 -23.85
N GLU B 560 -38.11 -15.47 -24.00
CA GLU B 560 -37.13 -16.54 -24.27
C GLU B 560 -36.31 -16.51 -25.56
N GLU B 561 -35.17 -17.17 -25.54
CA GLU B 561 -34.26 -17.28 -26.69
C GLU B 561 -33.47 -18.56 -26.49
N VAL B 562 -34.22 -19.65 -26.40
CA VAL B 562 -33.74 -21.03 -26.22
C VAL B 562 -32.97 -21.45 -27.46
N HIS B 563 -32.34 -20.47 -28.11
CA HIS B 563 -31.58 -20.74 -29.31
C HIS B 563 -30.12 -21.12 -29.13
N GLY B 564 -29.84 -21.80 -28.03
CA GLY B 564 -28.47 -22.23 -27.79
C GLY B 564 -28.18 -23.55 -28.47
N LYS B 565 -27.26 -23.54 -29.45
CA LYS B 565 -26.91 -24.76 -30.15
C LYS B 565 -25.44 -24.89 -30.56
N GLN B 566 -24.93 -26.13 -30.47
CA GLN B 566 -23.56 -26.45 -30.85
C GLN B 566 -22.48 -25.60 -30.19
N GLY B 567 -22.73 -25.18 -28.97
CA GLY B 567 -21.75 -24.39 -28.25
C GLY B 567 -21.75 -22.92 -28.60
N GLN B 568 -22.67 -22.50 -29.46
CA GLN B 568 -22.78 -21.09 -29.81
C GLN B 568 -24.24 -20.61 -29.88
N LEU B 569 -24.44 -19.32 -29.62
CA LEU B 569 -25.75 -18.68 -29.61
C LEU B 569 -25.81 -17.45 -30.53
N LYS B 570 -26.81 -17.46 -31.42
CA LYS B 570 -27.04 -16.37 -32.38
C LYS B 570 -28.14 -15.41 -31.92
N LEU B 571 -27.79 -14.14 -31.74
CA LEU B 571 -28.74 -13.10 -31.31
C LEU B 571 -28.81 -11.96 -32.35
N THR B 572 -29.98 -11.38 -32.52
CA THR B 572 -30.16 -10.25 -33.44
C THR B 572 -30.64 -9.04 -32.62
N LEU B 573 -29.84 -7.98 -32.59
CA LEU B 573 -30.18 -6.82 -31.78
C LEU B 573 -30.46 -5.56 -32.57
N ARG B 574 -31.54 -4.88 -32.22
CA ARG B 574 -31.92 -3.66 -32.91
C ARG B 574 -31.01 -2.55 -32.41
N PRO B 575 -30.93 -1.44 -33.16
CA PRO B 575 -30.09 -0.29 -32.80
C PRO B 575 -30.14 0.12 -31.33
N TYR B 576 -28.96 0.23 -30.72
CA TYR B 576 -28.80 0.62 -29.33
C TYR B 576 -29.65 -0.21 -28.37
N GLN B 577 -29.82 -1.49 -28.70
CA GLN B 577 -30.60 -2.41 -27.89
C GLN B 577 -29.79 -2.99 -26.76
N GLY B 578 -30.49 -3.42 -25.72
CA GLY B 578 -29.83 -4.06 -24.59
C GLY B 578 -30.52 -5.37 -24.23
N MET B 579 -29.75 -6.40 -23.88
CA MET B 579 -30.31 -7.70 -23.47
C MET B 579 -29.74 -8.27 -22.16
N ILE B 580 -30.63 -8.72 -21.27
CA ILE B 580 -30.27 -9.33 -19.99
C ILE B 580 -30.63 -10.83 -20.11
N LEU B 581 -29.67 -11.63 -20.54
CA LEU B 581 -29.87 -13.06 -20.75
C LEU B 581 -29.58 -13.89 -19.50
N TRP B 582 -30.65 -14.41 -18.91
CA TRP B 582 -30.55 -15.19 -17.69
C TRP B 582 -30.43 -16.67 -18.03
N ASN B 583 -29.44 -17.32 -17.43
CA ASN B 583 -29.18 -18.73 -17.69
C ASN B 583 -30.19 -19.60 -16.97
N GLY B 584 -31.22 -18.97 -16.44
CA GLY B 584 -32.27 -19.69 -15.74
C GLY B 584 -31.94 -20.23 -14.36
N ARG B 585 -30.73 -19.99 -13.86
CA ARG B 585 -30.40 -20.52 -12.54
C ARG B 585 -29.90 -19.56 -11.46
#